data_1Q9O
#
_entry.id   1Q9O
#
_cell.length_a   76.400
_cell.length_b   170.300
_cell.length_c   77.100
_cell.angle_alpha   90.00
_cell.angle_beta   114.40
_cell.angle_gamma   90.00
#
_symmetry.space_group_name_H-M   'C 1 2 1'
#
loop_
_entity.id
_entity.type
_entity.pdbx_description
1 polymer 'S45-2 Fab (IgG1k) heavy chain'
2 polymer 'S45-2 Fab (IgG1k) light chain'
3 non-polymer 'MAGNESIUM ION'
4 water water
#
loop_
_entity_poly.entity_id
_entity_poly.type
_entity_poly.pdbx_seq_one_letter_code
_entity_poly.pdbx_strand_id
1 'polypeptide(L)'
;EVILVESGGGLVQPGGSLRLSCSTSGFTFTDYYMSWVRQPPGKALEWLGFIRNKPKGYTTEYSASVKGRFTISRDNSQSI
LYLQMNTLRAEDSATYYCVRDIYSFGSRDGMDYWGQGTSVTVSSAKTTPPSVYPLAPGSAAQTNSMVTLGCLVKGYFPEP
VTVTWNSGSLSSGVHTFPAVLQSDLYTLSSSVTVPSSTWPSETVTCNVAHPASSTKVDKKIVPRDC
;
B,D
2 'polypeptide(L)'
;DIVMSQFPSSLAVSAGEKVTMSCKSSQSLLNSRTRKSYLAWYQQKPGQFPKLLIYWAATRESGVPDRFTGSGSGTDFTLT
ISSVQAEDLAVYYCKQSYNLRTFGGGTKLEIKRADAAPTVSIFPPSSEQLTSGGASVVCFLNNFYPKDINVKWKIDGSER
QNGVLNSWTDQDSKDSTYSMSSTLTLTKDEYERHNSYTCEATHKTSTSPIVKSFNRNEC
;
A,C
#
loop_
_chem_comp.id
_chem_comp.type
_chem_comp.name
_chem_comp.formula
MG non-polymer 'MAGNESIUM ION' 'Mg 2'
#
# COMPACT_ATOMS: atom_id res chain seq x y z
N GLU A 1 -7.22 -0.38 13.06
CA GLU A 1 -8.20 0.63 13.56
C GLU A 1 -9.18 0.98 12.45
N VAL A 2 -10.34 1.52 12.84
CA VAL A 2 -11.34 1.93 11.86
C VAL A 2 -10.85 3.23 11.24
N ILE A 3 -10.75 3.23 9.92
CA ILE A 3 -10.27 4.40 9.17
C ILE A 3 -11.27 4.87 8.11
N LEU A 4 -11.58 6.17 8.12
CA LEU A 4 -12.49 6.78 7.15
C LEU A 4 -11.77 8.01 6.58
N VAL A 5 -11.59 8.04 5.27
CA VAL A 5 -10.89 9.17 4.65
C VAL A 5 -11.63 9.73 3.43
N GLU A 6 -12.11 10.97 3.55
CA GLU A 6 -12.81 11.62 2.45
C GLU A 6 -11.85 12.29 1.45
N SER A 7 -12.27 12.32 0.20
CA SER A 7 -11.47 12.94 -0.86
C SER A 7 -12.42 13.38 -1.97
N GLY A 8 -11.91 14.18 -2.91
CA GLY A 8 -12.73 14.64 -4.03
C GLY A 8 -13.26 16.07 -3.94
N GLY A 9 -13.12 16.71 -2.78
CA GLY A 9 -13.59 18.07 -2.61
C GLY A 9 -12.79 19.07 -3.40
N GLY A 10 -13.36 20.26 -3.59
CA GLY A 10 -12.66 21.29 -4.35
C GLY A 10 -13.60 22.43 -4.74
N LEU A 11 -13.18 23.23 -5.71
CA LEU A 11 -13.98 24.36 -6.18
C LEU A 11 -14.77 23.95 -7.42
N VAL A 12 -16.06 24.28 -7.46
CA VAL A 12 -16.89 23.93 -8.60
C VAL A 12 -17.82 25.08 -9.01
N GLN A 13 -18.12 25.17 -10.30
CA GLN A 13 -19.00 26.22 -10.83
C GLN A 13 -20.46 26.04 -10.40
N PRO A 14 -21.18 27.14 -10.17
CA PRO A 14 -22.59 26.93 -9.78
C PRO A 14 -23.27 26.20 -10.94
N GLY A 15 -24.10 25.22 -10.60
CA GLY A 15 -24.78 24.42 -11.60
C GLY A 15 -23.96 23.18 -11.97
N GLY A 16 -22.73 23.12 -11.46
CA GLY A 16 -21.84 22.00 -11.75
C GLY A 16 -22.08 20.76 -10.91
N SER A 17 -21.28 19.72 -11.16
CA SER A 17 -21.39 18.45 -10.45
C SER A 17 -20.08 18.06 -9.76
N LEU A 18 -20.19 17.18 -8.77
CA LEU A 18 -19.01 16.71 -8.04
C LEU A 18 -19.33 15.39 -7.34
N ARG A 19 -18.36 14.47 -7.32
CA ARG A 19 -18.54 13.19 -6.67
C ARG A 19 -17.46 12.96 -5.63
N LEU A 20 -17.87 12.98 -4.36
CA LEU A 20 -16.94 12.76 -3.26
C LEU A 20 -16.75 11.27 -3.02
N SER A 21 -15.57 10.92 -2.49
CA SER A 21 -15.26 9.52 -2.18
C SER A 21 -14.90 9.40 -0.70
N CYS A 22 -15.07 8.19 -0.17
CA CYS A 22 -14.73 7.89 1.21
C CYS A 22 -14.14 6.50 1.27
N SER A 23 -12.82 6.42 1.46
CA SER A 23 -12.13 5.15 1.55
C SER A 23 -12.12 4.67 2.99
N THR A 24 -12.49 3.41 3.21
CA THR A 24 -12.56 2.85 4.56
C THR A 24 -11.73 1.58 4.72
N SER A 25 -11.35 1.28 5.97
CA SER A 25 -10.60 0.07 6.29
C SER A 25 -10.71 -0.17 7.79
N GLY A 26 -10.44 -1.39 8.25
CA GLY A 26 -10.50 -1.67 9.67
C GLY A 26 -11.78 -2.27 10.23
N PHE A 27 -12.73 -2.60 9.37
CA PHE A 27 -13.99 -3.21 9.78
C PHE A 27 -14.69 -3.82 8.57
N THR A 28 -15.65 -4.72 8.81
CA THR A 28 -16.38 -5.34 7.71
C THR A 28 -17.37 -4.32 7.14
N PHE A 29 -16.94 -3.63 6.08
CA PHE A 29 -17.73 -2.57 5.43
C PHE A 29 -19.19 -2.92 5.14
N THR A 30 -19.43 -4.10 4.57
CA THR A 30 -20.78 -4.51 4.22
C THR A 30 -21.78 -4.69 5.36
N ASP A 31 -21.30 -4.78 6.60
CA ASP A 31 -22.19 -4.93 7.75
C ASP A 31 -22.76 -3.58 8.19
N TYR A 32 -22.19 -2.49 7.68
CA TYR A 32 -22.59 -1.16 8.12
C TYR A 32 -23.38 -0.19 7.24
N TYR A 33 -24.30 0.54 7.88
CA TYR A 33 -25.04 1.62 7.20
C TYR A 33 -23.96 2.70 7.17
N MET A 34 -23.91 3.52 6.12
CA MET A 34 -22.92 4.61 6.05
C MET A 34 -23.65 5.93 5.76
N SER A 35 -23.35 6.99 6.51
CA SER A 35 -24.00 8.30 6.31
C SER A 35 -23.04 9.41 5.87
N TRP A 36 -23.61 10.45 5.26
CA TRP A 36 -22.87 11.65 4.84
C TRP A 36 -23.49 12.81 5.64
N VAL A 37 -22.64 13.66 6.19
CA VAL A 37 -23.06 14.82 6.98
C VAL A 37 -22.22 16.01 6.54
N ARG A 38 -22.84 17.18 6.32
CA ARG A 38 -22.09 18.36 5.93
C ARG A 38 -22.17 19.46 6.96
N GLN A 39 -21.31 20.45 6.80
CA GLN A 39 -21.28 21.54 7.75
C GLN A 39 -20.64 22.79 7.17
N PRO A 40 -21.46 23.81 6.87
CA PRO A 40 -20.94 25.06 6.32
C PRO A 40 -19.95 25.61 7.36
N PRO A 41 -18.95 26.39 6.92
CA PRO A 41 -17.92 26.98 7.76
C PRO A 41 -18.16 26.99 9.28
N GLY A 42 -18.92 27.95 9.78
CA GLY A 42 -19.16 27.99 11.22
C GLY A 42 -20.61 27.74 11.60
N LYS A 43 -21.26 26.83 10.87
CA LYS A 43 -22.66 26.52 11.12
C LYS A 43 -22.87 25.11 11.70
N ALA A 44 -24.12 24.68 11.76
CA ALA A 44 -24.43 23.38 12.33
C ALA A 44 -24.26 22.20 11.39
N LEU A 45 -24.23 21.01 11.98
CA LEU A 45 -24.10 19.76 11.24
C LEU A 45 -25.45 19.48 10.56
N GLU A 46 -25.42 19.01 9.30
CA GLU A 46 -26.67 18.69 8.60
C GLU A 46 -26.56 17.29 7.99
N TRP A 47 -27.43 16.38 8.42
CA TRP A 47 -27.42 15.01 7.90
C TRP A 47 -27.96 15.04 6.48
N LEU A 48 -27.23 14.44 5.54
CA LEU A 48 -27.64 14.41 4.13
C LEU A 48 -28.33 13.11 3.69
N GLY A 49 -27.90 11.98 4.25
CA GLY A 49 -28.52 10.73 3.87
C GLY A 49 -27.65 9.53 4.20
N PHE A 50 -28.14 8.33 3.90
CA PHE A 50 -27.37 7.12 4.13
C PHE A 50 -27.68 6.04 3.13
N ILE A 51 -26.86 4.99 3.18
CA ILE A 51 -27.05 3.82 2.33
C ILE A 51 -26.95 2.67 3.35
N ARG A 52 -27.95 1.79 3.35
CA ARG A 52 -28.01 0.68 4.30
C ARG A 52 -26.98 -0.43 4.07
N ASN A 53 -26.93 -1.41 4.98
CA ASN A 53 -25.97 -2.52 4.90
C ASN A 53 -26.45 -3.68 4.02
N LYS A 54 -25.69 -4.77 4.02
CA LYS A 54 -26.03 -5.92 3.19
C LYS A 54 -27.38 -6.59 3.47
N PRO A 55 -27.68 -6.94 4.73
CA PRO A 55 -28.99 -7.57 4.95
C PRO A 55 -30.17 -6.66 4.57
N LYS A 56 -29.89 -5.36 4.42
CA LYS A 56 -30.91 -4.39 4.05
C LYS A 56 -30.97 -4.05 2.56
N GLY A 57 -30.17 -4.74 1.74
CA GLY A 57 -30.19 -4.48 0.31
C GLY A 57 -29.51 -3.22 -0.18
N TYR A 58 -28.71 -2.59 0.68
CA TYR A 58 -27.99 -1.39 0.30
C TYR A 58 -28.89 -0.27 -0.23
N THR A 59 -30.11 -0.16 0.31
CA THR A 59 -31.03 0.88 -0.14
C THR A 59 -30.63 2.26 0.41
N THR A 60 -31.20 3.33 -0.14
CA THR A 60 -30.83 4.69 0.27
C THR A 60 -31.96 5.58 0.78
N GLU A 61 -31.59 6.60 1.56
CA GLU A 61 -32.53 7.59 2.11
C GLU A 61 -31.84 8.95 2.10
N TYR A 62 -32.61 10.03 2.03
CA TYR A 62 -32.04 11.37 1.95
C TYR A 62 -32.81 12.41 2.73
N SER A 63 -32.13 13.49 3.10
CA SER A 63 -32.79 14.58 3.81
C SER A 63 -33.60 15.31 2.75
N ALA A 64 -34.72 15.90 3.18
CA ALA A 64 -35.57 16.62 2.24
C ALA A 64 -34.81 17.73 1.51
N SER A 65 -33.77 18.27 2.14
CA SER A 65 -32.99 19.35 1.54
C SER A 65 -32.18 18.95 0.31
N VAL A 66 -31.82 17.68 0.18
CA VAL A 66 -31.05 17.27 -0.99
C VAL A 66 -31.63 16.08 -1.76
N LYS A 67 -32.75 15.55 -1.28
CA LYS A 67 -33.38 14.41 -1.96
C LYS A 67 -33.71 14.75 -3.40
N GLY A 68 -33.32 13.86 -4.31
CA GLY A 68 -33.59 14.09 -5.72
C GLY A 68 -32.50 14.86 -6.43
N ARG A 69 -31.48 15.29 -5.69
CA ARG A 69 -30.40 16.07 -6.27
C ARG A 69 -29.03 15.44 -5.98
N PHE A 70 -28.95 14.73 -4.86
CA PHE A 70 -27.72 14.04 -4.46
C PHE A 70 -28.02 12.54 -4.55
N THR A 71 -26.97 11.75 -4.78
CA THR A 71 -27.12 10.30 -4.87
C THR A 71 -25.97 9.59 -4.17
N ILE A 72 -26.31 8.69 -3.25
CA ILE A 72 -25.32 7.93 -2.50
C ILE A 72 -25.17 6.54 -3.10
N SER A 73 -23.93 6.06 -3.20
CA SER A 73 -23.64 4.73 -3.74
C SER A 73 -22.40 4.20 -3.02
N ARG A 74 -22.10 2.92 -3.22
CA ARG A 74 -20.93 2.34 -2.59
C ARG A 74 -20.35 1.15 -3.36
N ASP A 75 -19.03 1.00 -3.27
CA ASP A 75 -18.33 -0.10 -3.92
C ASP A 75 -17.92 -1.09 -2.85
N ASN A 76 -18.65 -2.18 -2.74
CA ASN A 76 -18.41 -3.21 -1.74
C ASN A 76 -17.13 -4.03 -1.95
N SER A 77 -16.58 -4.01 -3.15
CA SER A 77 -15.33 -4.73 -3.41
C SER A 77 -14.15 -3.94 -2.85
N GLN A 78 -14.18 -2.62 -3.05
CA GLN A 78 -13.10 -1.77 -2.58
C GLN A 78 -13.35 -1.13 -1.21
N SER A 79 -14.56 -1.30 -0.67
CA SER A 79 -14.91 -0.71 0.62
C SER A 79 -14.88 0.82 0.53
N ILE A 80 -15.48 1.36 -0.53
CA ILE A 80 -15.54 2.81 -0.76
C ILE A 80 -16.97 3.34 -0.84
N LEU A 81 -17.21 4.50 -0.21
CA LEU A 81 -18.52 5.14 -0.21
C LEU A 81 -18.44 6.42 -1.06
N TYR A 82 -19.51 6.69 -1.82
CA TYR A 82 -19.56 7.88 -2.69
C TYR A 82 -20.79 8.77 -2.48
N LEU A 83 -20.66 10.03 -2.88
CA LEU A 83 -21.75 11.01 -2.84
C LEU A 83 -21.66 11.84 -4.13
N GLN A 84 -22.63 11.63 -5.03
CA GLN A 84 -22.70 12.35 -6.30
C GLN A 84 -23.64 13.53 -6.09
N MET A 85 -23.11 14.73 -6.31
CA MET A 85 -23.90 15.96 -6.15
C MET A 85 -24.14 16.60 -7.50
N ASN A 86 -25.37 17.06 -7.75
CA ASN A 86 -25.72 17.69 -9.01
C ASN A 86 -26.31 19.09 -8.86
N THR A 87 -26.24 19.86 -9.93
CA THR A 87 -26.77 21.22 -9.96
C THR A 87 -26.42 21.98 -8.68
N LEU A 88 -25.14 22.03 -8.37
CA LEU A 88 -24.66 22.68 -7.16
C LEU A 88 -24.92 24.18 -7.06
N ARG A 89 -25.13 24.64 -5.83
CA ARG A 89 -25.36 26.06 -5.58
C ARG A 89 -24.59 26.50 -4.34
N ALA A 90 -24.49 27.81 -4.14
CA ALA A 90 -23.76 28.38 -3.01
C ALA A 90 -24.06 27.73 -1.67
N GLU A 91 -25.33 27.42 -1.43
CA GLU A 91 -25.74 26.81 -0.16
C GLU A 91 -25.11 25.44 0.05
N ASP A 92 -24.55 24.86 -1.01
CA ASP A 92 -23.91 23.55 -0.93
C ASP A 92 -22.44 23.61 -0.51
N SER A 93 -21.90 24.82 -0.39
CA SER A 93 -20.51 24.99 0.03
C SER A 93 -20.40 24.57 1.49
N ALA A 94 -19.52 23.63 1.79
CA ALA A 94 -19.38 23.13 3.17
C ALA A 94 -18.31 22.06 3.30
N THR A 95 -18.07 21.63 4.54
CA THR A 95 -17.14 20.53 4.78
C THR A 95 -18.03 19.29 4.77
N TYR A 96 -17.64 18.27 4.00
CA TYR A 96 -18.43 17.02 3.92
C TYR A 96 -17.76 15.86 4.67
N TYR A 97 -18.52 15.24 5.57
CA TYR A 97 -18.04 14.13 6.38
C TYR A 97 -18.62 12.77 5.99
N CYS A 98 -17.75 11.76 6.03
CA CYS A 98 -18.11 10.38 5.78
C CYS A 98 -18.24 9.82 7.21
N VAL A 99 -19.31 9.09 7.52
CA VAL A 99 -19.47 8.55 8.87
C VAL A 99 -20.00 7.12 8.94
N ARG A 100 -19.49 6.33 9.88
CA ARG A 100 -19.94 4.96 10.04
C ARG A 100 -21.19 4.99 10.92
N ASP A 101 -22.30 4.55 10.35
CA ASP A 101 -23.59 4.53 11.04
C ASP A 101 -23.81 3.14 11.66
N ILE A 102 -25.06 2.77 11.92
CA ILE A 102 -25.34 1.48 12.56
C ILE A 102 -25.05 0.21 11.76
N TYR A 103 -24.83 -0.90 12.47
CA TYR A 103 -24.62 -2.18 11.79
C TYR A 103 -25.75 -3.09 12.28
N SER A 104 -26.34 -2.72 13.42
CA SER A 104 -27.42 -3.48 14.03
C SER A 104 -28.38 -2.60 14.83
N PHE A 105 -29.67 -2.71 14.55
CA PHE A 105 -30.69 -1.94 15.24
C PHE A 105 -30.77 -2.29 16.72
N GLY A 106 -30.62 -3.57 17.03
CA GLY A 106 -30.72 -4.00 18.43
C GLY A 106 -29.54 -3.91 19.37
N SER A 107 -28.31 -3.93 18.86
CA SER A 107 -27.14 -3.90 19.75
C SER A 107 -26.64 -2.53 20.18
N ARG A 108 -26.77 -1.54 19.30
CA ARG A 108 -26.33 -0.19 19.63
C ARG A 108 -26.82 0.82 18.60
N ASP A 109 -26.41 2.08 18.75
CA ASP A 109 -26.82 3.14 17.83
C ASP A 109 -25.75 4.24 17.83
N GLY A 110 -25.90 5.22 16.93
CA GLY A 110 -24.94 6.32 16.84
C GLY A 110 -23.91 6.18 15.72
N MET A 111 -23.35 7.31 15.32
CA MET A 111 -22.31 7.36 14.27
C MET A 111 -21.01 7.38 15.09
N ASP A 112 -20.43 6.20 15.29
CA ASP A 112 -19.24 6.08 16.14
C ASP A 112 -17.88 6.43 15.56
N TYR A 113 -17.79 6.59 14.25
CA TYR A 113 -16.54 6.99 13.61
C TYR A 113 -16.81 8.04 12.54
N TRP A 114 -15.96 9.06 12.51
CA TRP A 114 -16.07 10.17 11.55
C TRP A 114 -14.73 10.44 10.85
N GLY A 115 -14.79 10.84 9.57
CA GLY A 115 -13.57 11.16 8.86
C GLY A 115 -13.19 12.57 9.25
N GLN A 116 -12.11 13.09 8.68
CA GLN A 116 -11.68 14.46 8.99
C GLN A 116 -12.49 15.45 8.15
N GLY A 117 -13.11 14.97 7.08
CA GLY A 117 -13.91 15.81 6.20
C GLY A 117 -13.14 16.37 5.01
N THR A 118 -13.86 16.71 3.94
CA THR A 118 -13.26 17.31 2.74
C THR A 118 -14.08 18.57 2.39
N SER A 119 -13.38 19.65 2.05
CA SER A 119 -14.02 20.94 1.75
C SER A 119 -14.51 21.15 0.31
N VAL A 120 -15.70 21.73 0.19
CA VAL A 120 -16.31 22.04 -1.10
C VAL A 120 -16.79 23.51 -1.14
N THR A 121 -16.48 24.20 -2.24
CA THR A 121 -16.90 25.58 -2.42
C THR A 121 -17.53 25.69 -3.80
N VAL A 122 -18.75 26.24 -3.87
CA VAL A 122 -19.44 26.41 -5.14
C VAL A 122 -19.39 27.90 -5.46
N SER A 123 -18.62 28.27 -6.47
CA SER A 123 -18.47 29.68 -6.82
C SER A 123 -17.88 29.83 -8.21
N SER A 124 -18.09 31.00 -8.81
CA SER A 124 -17.57 31.27 -10.16
C SER A 124 -16.30 32.11 -10.06
N ALA A 125 -15.89 32.44 -8.84
CA ALA A 125 -14.67 33.23 -8.63
C ALA A 125 -13.49 32.32 -8.90
N LYS A 126 -12.48 32.83 -9.58
CA LYS A 126 -11.33 31.99 -9.93
C LYS A 126 -10.37 31.66 -8.81
N THR A 127 -9.70 30.52 -8.97
CA THR A 127 -8.71 30.03 -8.02
C THR A 127 -7.49 30.94 -8.01
N THR A 128 -7.12 31.42 -6.83
CA THR A 128 -5.97 32.31 -6.72
C THR A 128 -5.06 31.86 -5.58
N PRO A 129 -3.76 31.70 -5.87
CA PRO A 129 -2.78 31.27 -4.86
C PRO A 129 -2.46 32.42 -3.90
N PRO A 130 -2.18 32.10 -2.63
CA PRO A 130 -1.87 33.16 -1.67
C PRO A 130 -0.44 33.71 -1.74
N SER A 131 -0.27 34.91 -1.21
CA SER A 131 1.06 35.51 -1.10
C SER A 131 1.30 35.40 0.40
N VAL A 132 2.51 34.99 0.80
CA VAL A 132 2.82 34.82 2.22
C VAL A 132 3.89 35.81 2.65
N TYR A 133 3.56 36.63 3.65
CA TYR A 133 4.51 37.63 4.13
C TYR A 133 4.85 37.40 5.58
N PRO A 134 6.11 37.63 5.96
CA PRO A 134 6.55 37.43 7.34
C PRO A 134 6.11 38.54 8.28
N LEU A 135 5.81 38.17 9.51
CA LEU A 135 5.42 39.14 10.54
C LEU A 135 6.49 38.95 11.61
N ALA A 136 7.55 39.75 11.52
CA ALA A 136 8.67 39.64 12.46
C ALA A 136 8.79 40.81 13.42
N PRO A 137 9.25 40.53 14.66
CA PRO A 137 9.42 41.56 15.67
C PRO A 137 10.57 42.46 15.23
N GLY A 138 10.44 43.76 15.44
CA GLY A 138 11.50 44.67 15.05
C GLY A 138 12.26 45.20 16.25
N SER A 139 11.78 46.31 16.81
CA SER A 139 12.40 46.92 17.97
C SER A 139 12.40 45.88 19.09
N ALA A 140 11.53 44.88 18.95
CA ALA A 140 11.42 43.82 19.94
C ALA A 140 12.72 43.01 19.94
N ALA A 141 12.62 41.68 19.89
CA ALA A 141 13.79 40.83 19.91
C ALA A 141 14.65 41.27 21.10
N GLN A 142 13.97 41.80 22.12
CA GLN A 142 14.62 42.30 23.33
C GLN A 142 14.61 41.21 24.40
N THR A 143 14.55 41.63 25.67
CA THR A 143 14.55 40.70 26.78
C THR A 143 13.20 40.72 27.49
N ASN A 144 12.39 39.69 27.25
CA ASN A 144 11.08 39.58 27.87
C ASN A 144 10.47 38.19 27.73
N SER A 145 11.25 37.19 28.14
CA SER A 145 10.85 35.78 28.13
C SER A 145 10.27 35.23 26.82
N MET A 146 9.14 35.75 26.39
CA MET A 146 8.48 35.27 25.18
C MET A 146 8.48 36.26 24.02
N VAL A 147 8.40 35.73 22.81
CA VAL A 147 8.34 36.55 21.61
C VAL A 147 7.24 35.97 20.70
N THR A 148 6.52 36.85 20.02
CA THR A 148 5.43 36.45 19.13
C THR A 148 5.75 36.81 17.67
N LEU A 149 5.66 35.82 16.79
CA LEU A 149 5.93 36.01 15.37
C LEU A 149 4.68 35.62 14.59
N GLY A 150 4.71 35.81 13.28
CA GLY A 150 3.54 35.43 12.51
C GLY A 150 3.77 35.38 11.02
N CYS A 151 2.71 35.04 10.29
CA CYS A 151 2.73 34.98 8.83
C CYS A 151 1.39 35.48 8.31
N LEU A 152 1.44 36.40 7.36
CA LEU A 152 0.25 36.97 6.73
C LEU A 152 0.05 36.20 5.41
N VAL A 153 -1.13 35.60 5.26
CA VAL A 153 -1.50 34.80 4.10
C VAL A 153 -2.61 35.56 3.40
N LYS A 154 -2.26 36.27 2.33
CA LYS A 154 -3.22 37.13 1.65
C LYS A 154 -3.53 36.90 0.17
N GLY A 155 -4.76 37.27 -0.20
CA GLY A 155 -5.22 37.18 -1.57
C GLY A 155 -5.43 35.83 -2.21
N TYR A 156 -6.02 34.88 -1.50
CA TYR A 156 -6.24 33.55 -2.08
C TYR A 156 -7.69 33.16 -2.18
N PHE A 157 -7.97 32.16 -3.01
CA PHE A 157 -9.32 31.65 -3.18
C PHE A 157 -9.20 30.27 -3.84
N PRO A 158 -10.00 29.30 -3.37
CA PRO A 158 -10.97 29.42 -2.28
C PRO A 158 -10.34 28.94 -0.97
N GLU A 159 -11.13 28.88 0.08
CA GLU A 159 -10.66 28.34 1.36
C GLU A 159 -10.61 26.83 1.08
N PRO A 160 -9.84 26.06 1.86
CA PRO A 160 -9.02 26.50 2.98
C PRO A 160 -7.54 26.49 2.65
N VAL A 161 -6.74 26.89 3.64
CA VAL A 161 -5.31 26.86 3.52
C VAL A 161 -4.90 26.27 4.87
N THR A 162 -3.76 25.59 4.93
CA THR A 162 -3.32 25.04 6.21
C THR A 162 -1.95 25.63 6.54
N VAL A 163 -1.81 26.13 7.77
CA VAL A 163 -0.56 26.72 8.20
C VAL A 163 0.05 25.95 9.37
N THR A 164 1.32 25.59 9.22
CA THR A 164 2.05 24.88 10.27
C THR A 164 3.32 25.68 10.52
N TRP A 165 4.02 25.38 11.60
CA TRP A 165 5.27 26.07 11.94
C TRP A 165 6.37 25.01 12.13
N ASN A 166 7.51 25.25 11.49
CA ASN A 166 8.64 24.32 11.56
C ASN A 166 8.19 22.92 11.19
N SER A 167 7.41 22.83 10.13
CA SER A 167 6.92 21.55 9.62
C SER A 167 6.11 20.74 10.61
N GLY A 168 5.46 21.42 11.54
CA GLY A 168 4.64 20.73 12.52
C GLY A 168 5.28 20.49 13.88
N SER A 169 6.60 20.59 13.96
CA SER A 169 7.29 20.36 15.23
C SER A 169 6.92 21.41 16.28
N LEU A 170 6.66 22.61 15.80
CA LEU A 170 6.27 23.73 16.68
C LEU A 170 4.74 23.80 16.61
N SER A 171 4.09 23.24 17.64
CA SER A 171 2.63 23.19 17.69
C SER A 171 1.98 23.90 18.87
N SER A 172 2.68 24.01 19.99
CA SER A 172 2.10 24.70 21.14
C SER A 172 2.36 26.19 20.98
N GLY A 173 1.45 27.01 21.49
CA GLY A 173 1.61 28.45 21.38
C GLY A 173 1.28 28.97 19.99
N VAL A 174 0.53 28.17 19.23
CA VAL A 174 0.12 28.53 17.87
C VAL A 174 -1.39 28.64 17.69
N HIS A 175 -1.83 29.70 17.02
CA HIS A 175 -3.24 29.83 16.67
C HIS A 175 -3.35 30.63 15.38
N THR A 176 -4.31 30.23 14.56
CA THR A 176 -4.53 30.85 13.26
C THR A 176 -5.92 31.45 13.23
N PHE A 177 -5.99 32.73 12.87
CA PHE A 177 -7.25 33.46 12.81
C PHE A 177 -8.10 33.08 11.62
N PRO A 178 -9.43 33.15 11.76
CA PRO A 178 -10.40 32.83 10.70
C PRO A 178 -10.19 33.79 9.53
N ALA A 179 -10.26 33.28 8.31
CA ALA A 179 -10.07 34.12 7.13
C ALA A 179 -11.24 35.07 6.91
N VAL A 180 -10.99 36.19 6.25
CA VAL A 180 -12.03 37.15 5.95
C VAL A 180 -12.08 37.28 4.43
N LEU A 181 -13.29 37.23 3.87
CA LEU A 181 -13.46 37.31 2.43
C LEU A 181 -13.75 38.73 1.98
N GLN A 182 -13.09 39.16 0.91
CA GLN A 182 -13.28 40.49 0.36
C GLN A 182 -12.98 40.47 -1.14
N SER A 183 -13.97 40.84 -1.94
CA SER A 183 -13.80 40.87 -3.38
C SER A 183 -13.26 39.57 -3.96
N ASP A 184 -13.89 38.46 -3.59
CA ASP A 184 -13.50 37.15 -4.08
C ASP A 184 -12.10 36.68 -3.64
N LEU A 185 -11.55 37.31 -2.60
CA LEU A 185 -10.23 36.92 -2.09
C LEU A 185 -10.22 36.85 -0.56
N TYR A 186 -9.57 35.81 -0.03
CA TYR A 186 -9.45 35.59 1.41
C TYR A 186 -8.10 36.01 1.98
N THR A 187 -8.11 36.41 3.24
CA THR A 187 -6.88 36.79 3.95
C THR A 187 -6.96 36.36 5.40
N LEU A 188 -5.86 35.84 5.92
CA LEU A 188 -5.77 35.42 7.32
C LEU A 188 -4.32 35.56 7.77
N SER A 189 -4.09 35.44 9.08
CA SER A 189 -2.74 35.50 9.65
C SER A 189 -2.62 34.37 10.67
N SER A 190 -1.40 33.92 10.93
CA SER A 190 -1.16 32.87 11.93
C SER A 190 -0.15 33.42 12.92
N SER A 191 -0.37 33.12 14.20
CA SER A 191 0.48 33.59 15.29
C SER A 191 1.21 32.45 16.01
N VAL A 192 2.47 32.67 16.38
CA VAL A 192 3.23 31.67 17.15
C VAL A 192 4.07 32.39 18.20
N THR A 193 4.01 31.87 19.42
CA THR A 193 4.76 32.45 20.54
C THR A 193 5.76 31.45 21.09
N VAL A 194 7.03 31.85 21.15
CA VAL A 194 8.10 30.99 21.64
C VAL A 194 9.05 31.75 22.58
N PRO A 195 9.78 31.04 23.44
CA PRO A 195 10.70 31.73 24.35
C PRO A 195 11.84 32.43 23.60
N SER A 196 12.24 33.59 24.10
CA SER A 196 13.31 34.37 23.47
C SER A 196 14.58 33.57 23.27
N SER A 197 14.85 32.63 24.18
CA SER A 197 16.06 31.82 24.09
C SER A 197 16.09 30.86 22.89
N THR A 198 14.94 30.64 22.26
CA THR A 198 14.86 29.73 21.12
C THR A 198 14.91 30.40 19.74
N TRP A 199 14.56 31.69 19.70
CA TRP A 199 14.57 32.44 18.45
C TRP A 199 15.18 33.81 18.74
N PRO A 200 16.00 34.33 17.81
CA PRO A 200 16.39 33.75 16.52
C PRO A 200 17.52 32.71 16.60
N SER A 201 17.88 32.32 17.83
CA SER A 201 18.93 31.33 18.05
C SER A 201 18.69 30.15 17.12
N GLU A 202 17.45 29.64 17.19
CA GLU A 202 17.03 28.53 16.35
C GLU A 202 15.96 29.10 15.41
N THR A 203 15.92 28.59 14.19
CA THR A 203 14.97 29.09 13.20
C THR A 203 13.49 28.79 13.42
N VAL A 204 12.64 29.67 12.89
CA VAL A 204 11.19 29.53 12.95
C VAL A 204 10.69 29.85 11.53
N THR A 205 9.96 28.90 10.95
CA THR A 205 9.44 29.03 9.60
C THR A 205 7.97 28.63 9.54
N CYS A 206 7.14 29.37 8.81
CA CYS A 206 5.75 28.96 8.68
C CYS A 206 5.63 28.26 7.34
N ASN A 207 4.83 27.20 7.30
CA ASN A 207 4.62 26.43 6.08
C ASN A 207 3.15 26.62 5.68
N VAL A 208 2.95 27.14 4.48
CA VAL A 208 1.60 27.41 4.01
C VAL A 208 1.21 26.54 2.82
N ALA A 209 0.10 25.84 2.97
CA ALA A 209 -0.40 24.97 1.90
C ALA A 209 -1.79 25.37 1.43
N HIS A 210 -1.93 25.47 0.11
CA HIS A 210 -3.18 25.83 -0.52
C HIS A 210 -3.41 24.78 -1.61
N PRO A 211 -4.13 23.70 -1.29
CA PRO A 211 -4.42 22.63 -2.24
C PRO A 211 -5.13 23.01 -3.53
N ALA A 212 -6.13 23.88 -3.44
CA ALA A 212 -6.86 24.29 -4.64
C ALA A 212 -5.94 24.79 -5.74
N SER A 213 -4.81 25.39 -5.36
CA SER A 213 -3.85 25.89 -6.35
C SER A 213 -2.57 25.05 -6.34
N SER A 214 -2.60 23.95 -5.61
CA SER A 214 -1.44 23.06 -5.51
C SER A 214 -0.17 23.80 -5.08
N THR A 215 -0.32 24.74 -4.16
CA THR A 215 0.83 25.49 -3.68
C THR A 215 1.19 25.15 -2.24
N LYS A 216 2.48 25.17 -1.97
CA LYS A 216 3.02 24.89 -0.65
C LYS A 216 4.23 25.81 -0.55
N VAL A 217 4.14 26.84 0.30
CA VAL A 217 5.22 27.80 0.44
C VAL A 217 5.76 27.91 1.88
N ASP A 218 7.04 28.25 2.00
CA ASP A 218 7.67 28.41 3.30
C ASP A 218 8.18 29.84 3.45
N LYS A 219 8.12 30.35 4.67
CA LYS A 219 8.58 31.69 4.94
C LYS A 219 9.29 31.72 6.28
N LYS A 220 10.60 31.87 6.24
CA LYS A 220 11.43 31.93 7.44
C LYS A 220 11.33 33.32 8.04
N ILE A 221 11.11 33.39 9.35
CA ILE A 221 11.00 34.68 10.03
C ILE A 221 12.36 35.14 10.52
N VAL A 222 12.83 36.25 9.96
CA VAL A 222 14.12 36.85 10.31
C VAL A 222 13.83 38.14 11.10
N PRO A 223 14.63 38.41 12.14
CA PRO A 223 14.37 39.63 12.90
C PRO A 223 14.67 40.90 12.11
N ARG A 224 13.92 41.97 12.40
CA ARG A 224 14.15 43.25 11.74
C ARG A 224 15.36 43.86 12.43
N ASP A 225 16.25 44.47 11.67
CA ASP A 225 17.49 45.02 12.21
C ASP A 225 17.54 46.42 12.82
N CYS A 226 16.91 47.41 12.19
CA CYS A 226 16.94 48.78 12.71
C CYS A 226 16.64 48.87 14.21
N GLU B 1 14.97 -47.78 0.99
CA GLU B 1 15.79 -46.90 0.13
C GLU B 1 16.16 -45.62 0.87
N VAL B 2 17.20 -44.96 0.39
CA VAL B 2 17.68 -43.72 1.00
C VAL B 2 16.78 -42.56 0.63
N ILE B 3 16.24 -41.90 1.65
CA ILE B 3 15.32 -40.77 1.46
C ILE B 3 15.76 -39.54 2.25
N LEU B 4 15.76 -38.38 1.60
CA LEU B 4 16.14 -37.12 2.23
C LEU B 4 15.03 -36.11 1.98
N VAL B 5 14.55 -35.47 3.04
CA VAL B 5 13.48 -34.48 2.93
C VAL B 5 13.80 -33.17 3.65
N GLU B 6 13.93 -32.08 2.89
CA GLU B 6 14.24 -30.77 3.46
C GLU B 6 12.98 -30.00 3.81
N SER B 7 13.07 -29.17 4.83
CA SER B 7 11.94 -28.35 5.27
C SER B 7 12.44 -27.13 6.04
N GLY B 8 11.53 -26.20 6.32
CA GLY B 8 11.91 -25.02 7.07
C GLY B 8 12.19 -23.83 6.19
N GLY B 9 12.04 -24.01 4.88
CA GLY B 9 12.29 -22.93 3.96
C GLY B 9 11.04 -22.07 3.81
N GLY B 10 11.21 -20.89 3.20
CA GLY B 10 10.10 -20.00 3.01
C GLY B 10 10.59 -18.57 2.97
N LEU B 11 9.68 -17.61 3.15
CA LEU B 11 10.02 -16.20 3.12
C LEU B 11 10.66 -15.72 4.41
N VAL B 12 11.70 -14.91 4.29
CA VAL B 12 12.40 -14.33 5.45
C VAL B 12 12.89 -12.93 5.05
N GLN B 13 12.99 -12.01 6.01
CA GLN B 13 13.42 -10.67 5.68
C GLN B 13 14.92 -10.47 5.81
N PRO B 14 15.47 -9.47 5.09
CA PRO B 14 16.91 -9.20 5.16
C PRO B 14 17.36 -9.01 6.61
N GLY B 15 18.50 -9.62 6.95
CA GLY B 15 19.02 -9.52 8.31
C GLY B 15 18.45 -10.61 9.21
N GLY B 16 17.43 -11.31 8.72
CA GLY B 16 16.77 -12.37 9.47
C GLY B 16 17.54 -13.68 9.46
N SER B 17 16.91 -14.74 9.96
CA SER B 17 17.54 -16.06 10.02
C SER B 17 16.53 -17.20 9.89
N LEU B 18 17.03 -18.39 9.57
CA LEU B 18 16.19 -19.57 9.40
C LEU B 18 16.98 -20.81 9.77
N ARG B 19 16.28 -21.87 10.17
CA ARG B 19 16.95 -23.13 10.47
C ARG B 19 16.28 -24.15 9.57
N LEU B 20 17.04 -24.69 8.64
CA LEU B 20 16.49 -25.70 7.73
C LEU B 20 16.68 -27.06 8.38
N SER B 21 15.75 -27.98 8.10
CA SER B 21 15.84 -29.34 8.63
C SER B 21 15.87 -30.33 7.46
N CYS B 22 16.49 -31.47 7.69
CA CYS B 22 16.59 -32.53 6.71
C CYS B 22 16.40 -33.85 7.43
N SER B 23 15.26 -34.48 7.22
CA SER B 23 14.99 -35.77 7.84
C SER B 23 15.58 -36.84 6.91
N THR B 24 16.23 -37.84 7.49
CA THR B 24 16.83 -38.90 6.69
C THR B 24 16.30 -40.28 7.07
N SER B 25 16.27 -41.18 6.09
CA SER B 25 15.80 -42.54 6.32
C SER B 25 16.47 -43.50 5.33
N GLY B 26 16.59 -44.77 5.71
CA GLY B 26 17.18 -45.75 4.82
C GLY B 26 18.66 -46.06 4.97
N PHE B 27 19.35 -45.38 5.88
CA PHE B 27 20.77 -45.63 6.11
C PHE B 27 21.17 -45.06 7.46
N THR B 28 22.31 -45.49 7.97
CA THR B 28 22.78 -45.02 9.25
C THR B 28 23.38 -43.64 9.13
N PHE B 29 22.58 -42.67 9.57
CA PHE B 29 22.88 -41.24 9.55
C PHE B 29 24.27 -40.82 10.05
N THR B 30 24.73 -41.40 11.16
CA THR B 30 26.02 -41.05 11.74
C THR B 30 27.25 -41.61 11.03
N ASP B 31 27.04 -42.54 10.10
CA ASP B 31 28.15 -43.18 9.39
C ASP B 31 28.60 -42.49 8.10
N TYR B 32 27.86 -41.47 7.67
CA TYR B 32 28.18 -40.77 6.43
C TYR B 32 28.42 -39.26 6.61
N TYR B 33 29.27 -38.69 5.76
CA TYR B 33 29.49 -37.25 5.77
C TYR B 33 28.16 -36.76 5.15
N MET B 34 27.67 -35.60 5.56
CA MET B 34 26.44 -35.03 5.02
C MET B 34 26.74 -33.58 4.60
N SER B 35 26.31 -33.18 3.39
CA SER B 35 26.55 -31.82 2.89
C SER B 35 25.26 -31.04 2.63
N TRP B 36 25.41 -29.71 2.49
CA TRP B 36 24.30 -28.84 2.13
C TRP B 36 24.79 -28.14 0.86
N VAL B 37 23.92 -28.05 -0.15
CA VAL B 37 24.25 -27.42 -1.43
C VAL B 37 23.08 -26.50 -1.82
N ARG B 38 23.35 -25.31 -2.37
CA ARG B 38 22.25 -24.42 -2.77
C ARG B 38 22.32 -24.01 -4.24
N GLN B 39 21.19 -23.50 -4.75
CA GLN B 39 21.11 -23.08 -6.15
C GLN B 39 20.13 -21.93 -6.34
N PRO B 40 20.65 -20.71 -6.61
CA PRO B 40 19.68 -19.62 -6.79
C PRO B 40 18.90 -19.91 -8.08
N PRO B 41 17.65 -19.43 -8.18
CA PRO B 41 16.85 -19.69 -9.39
C PRO B 41 17.62 -19.41 -10.69
N GLY B 42 17.64 -20.40 -11.57
CA GLY B 42 18.34 -20.26 -12.84
C GLY B 42 19.85 -20.10 -12.78
N LYS B 43 20.45 -20.36 -11.63
CA LYS B 43 21.91 -20.25 -11.46
C LYS B 43 22.59 -21.58 -11.19
N ALA B 44 23.87 -21.53 -10.86
CA ALA B 44 24.66 -22.74 -10.60
C ALA B 44 24.53 -23.29 -9.18
N LEU B 45 24.94 -24.54 -9.02
CA LEU B 45 24.93 -25.20 -7.71
C LEU B 45 26.10 -24.63 -6.93
N GLU B 46 25.96 -24.52 -5.61
CA GLU B 46 27.05 -24.01 -4.76
C GLU B 46 27.10 -24.81 -3.48
N TRP B 47 28.25 -25.45 -3.21
CA TRP B 47 28.44 -26.23 -2.00
C TRP B 47 28.60 -25.27 -0.82
N LEU B 48 27.91 -25.56 0.28
CA LEU B 48 27.94 -24.71 1.48
C LEU B 48 28.79 -25.25 2.62
N GLY B 49 28.80 -26.56 2.80
CA GLY B 49 29.58 -27.15 3.87
C GLY B 49 29.15 -28.56 4.17
N PHE B 50 29.85 -29.23 5.08
CA PHE B 50 29.45 -30.59 5.48
C PHE B 50 29.76 -30.89 6.93
N ILE B 51 29.23 -32.00 7.42
CA ILE B 51 29.51 -32.43 8.78
C ILE B 51 29.95 -33.88 8.62
N ARG B 52 31.13 -34.19 9.16
CA ARG B 52 31.69 -35.54 9.04
C ARG B 52 30.96 -36.64 9.78
N ASN B 53 31.43 -37.88 9.59
CA ASN B 53 30.84 -39.05 10.22
C ASN B 53 31.45 -39.33 11.60
N LYS B 54 31.00 -40.42 12.22
CA LYS B 54 31.45 -40.81 13.56
C LYS B 54 32.95 -40.99 13.72
N PRO B 55 33.56 -41.88 12.91
CA PRO B 55 35.01 -42.04 13.09
C PRO B 55 35.80 -40.73 12.95
N LYS B 56 35.18 -39.72 12.34
CA LYS B 56 35.82 -38.42 12.15
C LYS B 56 35.48 -37.39 13.22
N GLY B 57 34.65 -37.79 14.17
CA GLY B 57 34.29 -36.88 15.25
C GLY B 57 33.23 -35.85 14.92
N TYR B 58 32.49 -36.07 13.84
CA TYR B 58 31.43 -35.17 13.43
C TYR B 58 31.85 -33.70 13.29
N THR B 59 33.09 -33.46 12.86
CA THR B 59 33.58 -32.09 12.69
C THR B 59 32.97 -31.45 11.43
N THR B 60 33.00 -30.11 11.37
CA THR B 60 32.42 -29.38 10.24
C THR B 60 33.38 -28.51 9.42
N GLU B 61 32.96 -28.21 8.19
CA GLU B 61 33.70 -27.37 7.25
C GLU B 61 32.68 -26.54 6.47
N TYR B 62 33.10 -25.37 6.00
CA TYR B 62 32.22 -24.45 5.27
C TYR B 62 32.91 -23.78 4.09
N SER B 63 32.11 -23.33 3.11
CA SER B 63 32.64 -22.61 1.97
C SER B 63 32.91 -21.20 2.46
N ALA B 64 33.83 -20.49 1.82
CA ALA B 64 34.16 -19.13 2.22
C ALA B 64 32.96 -18.20 2.22
N SER B 65 32.05 -18.39 1.26
CA SER B 65 30.88 -17.54 1.14
C SER B 65 29.91 -17.57 2.33
N VAL B 66 29.96 -18.60 3.16
CA VAL B 66 29.04 -18.65 4.30
C VAL B 66 29.69 -18.94 5.64
N LYS B 67 30.99 -19.22 5.65
CA LYS B 67 31.68 -19.51 6.90
C LYS B 67 31.49 -18.34 7.87
N GLY B 68 31.01 -18.64 9.07
CA GLY B 68 30.79 -17.61 10.07
C GLY B 68 29.34 -17.20 10.22
N ARG B 69 28.52 -17.45 9.20
CA ARG B 69 27.10 -17.11 9.22
C ARG B 69 26.21 -18.35 9.31
N PHE B 70 26.65 -19.45 8.67
CA PHE B 70 25.90 -20.70 8.64
C PHE B 70 26.52 -21.75 9.54
N THR B 71 25.67 -22.57 10.15
CA THR B 71 26.11 -23.63 11.05
C THR B 71 25.38 -24.94 10.78
N ILE B 72 26.17 -26.00 10.58
CA ILE B 72 25.61 -27.33 10.32
C ILE B 72 25.70 -28.19 11.58
N SER B 73 24.64 -28.96 11.86
CA SER B 73 24.62 -29.83 13.03
C SER B 73 23.67 -31.01 12.83
N ARG B 74 23.79 -32.01 13.70
CA ARG B 74 22.95 -33.21 13.63
C ARG B 74 22.25 -33.48 14.95
N ASP B 75 21.13 -34.18 14.85
CA ASP B 75 20.38 -34.63 16.02
C ASP B 75 20.40 -36.13 15.70
N ASN B 76 21.54 -36.76 15.94
CA ASN B 76 21.72 -38.18 15.65
C ASN B 76 20.60 -39.07 16.17
N SER B 77 20.00 -38.69 17.29
CA SER B 77 18.92 -39.48 17.87
C SER B 77 17.72 -39.61 16.93
N GLN B 78 17.38 -38.52 16.26
CA GLN B 78 16.24 -38.53 15.35
C GLN B 78 16.64 -38.60 13.89
N SER B 79 17.94 -38.70 13.63
CA SER B 79 18.44 -38.77 12.26
C SER B 79 18.01 -37.56 11.44
N ILE B 80 18.17 -36.37 12.02
CA ILE B 80 17.82 -35.13 11.34
C ILE B 80 19.08 -34.28 11.22
N LEU B 81 19.25 -33.64 10.06
CA LEU B 81 20.39 -32.75 9.80
C LEU B 81 19.88 -31.31 9.72
N TYR B 82 20.62 -30.37 10.32
CA TYR B 82 20.22 -28.96 10.35
C TYR B 82 21.20 -27.99 9.68
N LEU B 83 20.68 -26.83 9.29
CA LEU B 83 21.48 -25.75 8.72
C LEU B 83 20.90 -24.46 9.30
N GLN B 84 21.64 -23.82 10.20
CA GLN B 84 21.21 -22.56 10.80
C GLN B 84 21.83 -21.46 9.95
N MET B 85 21.00 -20.57 9.42
CA MET B 85 21.45 -19.48 8.55
C MET B 85 21.17 -18.12 9.19
N ASN B 86 22.21 -17.34 9.43
CA ASN B 86 22.05 -16.03 10.06
C ASN B 86 22.37 -14.83 9.14
N THR B 87 21.86 -13.66 9.53
CA THR B 87 22.03 -12.40 8.80
C THR B 87 21.86 -12.58 7.29
N LEU B 88 20.67 -13.01 6.88
CA LEU B 88 20.39 -13.27 5.46
C LEU B 88 20.33 -12.05 4.56
N ARG B 89 20.75 -12.25 3.31
CA ARG B 89 20.78 -11.23 2.27
C ARG B 89 20.13 -11.77 0.99
N ALA B 90 19.90 -10.89 0.03
CA ALA B 90 19.27 -11.28 -1.24
C ALA B 90 20.00 -12.44 -1.92
N GLU B 91 21.33 -12.42 -1.91
CA GLU B 91 22.11 -13.49 -2.54
C GLU B 91 21.83 -14.87 -1.92
N ASP B 92 21.19 -14.91 -0.76
CA ASP B 92 20.88 -16.18 -0.09
C ASP B 92 19.57 -16.83 -0.58
N SER B 93 18.83 -16.13 -1.43
CA SER B 93 17.59 -16.69 -1.96
C SER B 93 17.98 -17.83 -2.89
N ALA B 94 17.43 -19.02 -2.64
CA ALA B 94 17.78 -20.18 -3.47
C ALA B 94 17.11 -21.44 -2.96
N THR B 95 17.25 -22.52 -3.73
CA THR B 95 16.72 -23.81 -3.31
C THR B 95 17.87 -24.45 -2.54
N TYR B 96 17.59 -24.95 -1.34
CA TYR B 96 18.60 -25.60 -0.50
C TYR B 96 18.43 -27.12 -0.50
N TYR B 97 19.50 -27.82 -0.89
CA TYR B 97 19.51 -29.28 -0.96
C TYR B 97 20.25 -29.98 0.16
N CYS B 98 19.65 -31.06 0.65
CA CYS B 98 20.23 -31.93 1.68
C CYS B 98 20.85 -33.06 0.85
N VAL B 99 22.11 -33.39 1.09
CA VAL B 99 22.74 -34.45 0.28
C VAL B 99 23.63 -35.42 1.05
N ARG B 100 23.59 -36.69 0.69
CA ARG B 100 24.44 -37.66 1.37
C ARG B 100 25.81 -37.63 0.70
N ASP B 101 26.85 -37.44 1.51
CA ASP B 101 28.22 -37.37 1.00
C ASP B 101 28.92 -38.72 1.29
N ILE B 102 30.25 -38.74 1.28
CA ILE B 102 31.01 -39.98 1.47
C ILE B 102 30.89 -40.78 2.77
N TYR B 103 31.08 -42.09 2.61
CA TYR B 103 31.08 -43.02 3.73
C TYR B 103 32.51 -43.11 4.23
N SER B 104 33.46 -43.19 3.30
CA SER B 104 34.88 -43.28 3.63
C SER B 104 35.72 -42.83 2.44
N PHE B 105 36.97 -42.45 2.70
CA PHE B 105 37.87 -41.98 1.66
C PHE B 105 38.24 -43.05 0.63
N GLY B 106 38.34 -44.30 1.07
CA GLY B 106 38.72 -45.38 0.15
C GLY B 106 37.62 -46.14 -0.57
N SER B 107 36.42 -46.16 -0.02
CA SER B 107 35.32 -46.91 -0.66
C SER B 107 34.88 -46.32 -2.00
N ARG B 108 34.47 -45.05 -1.99
CA ARG B 108 34.01 -44.38 -3.21
C ARG B 108 33.95 -42.85 -3.01
N ASP B 109 33.24 -42.13 -3.88
CA ASP B 109 33.16 -40.68 -3.75
C ASP B 109 31.88 -40.17 -4.41
N GLY B 110 31.57 -38.90 -4.19
CA GLY B 110 30.40 -38.31 -4.78
C GLY B 110 29.19 -38.23 -3.86
N MET B 111 28.28 -37.33 -4.19
CA MET B 111 27.05 -37.12 -3.44
C MET B 111 26.01 -37.98 -4.15
N ASP B 112 25.84 -39.21 -3.65
CA ASP B 112 24.93 -40.17 -4.28
C ASP B 112 23.42 -40.04 -4.08
N TYR B 113 22.99 -39.21 -3.14
CA TYR B 113 21.57 -38.99 -2.90
C TYR B 113 21.29 -37.52 -2.55
N TRP B 114 20.24 -36.96 -3.15
CA TRP B 114 19.85 -35.56 -2.95
C TRP B 114 18.36 -35.46 -2.67
N GLY B 115 17.98 -34.54 -1.80
CA GLY B 115 16.58 -34.33 -1.52
C GLY B 115 16.01 -33.52 -2.67
N GLN B 116 14.72 -33.19 -2.60
CA GLN B 116 14.09 -32.41 -3.66
C GLN B 116 14.43 -30.93 -3.48
N GLY B 117 14.90 -30.58 -2.28
CA GLY B 117 15.25 -29.20 -1.98
C GLY B 117 14.10 -28.39 -1.41
N THR B 118 14.44 -27.32 -0.69
CA THR B 118 13.42 -26.45 -0.12
C THR B 118 13.78 -25.00 -0.48
N SER B 119 12.81 -24.25 -0.96
CA SER B 119 13.05 -22.87 -1.39
C SER B 119 13.03 -21.81 -0.30
N VAL B 120 13.98 -20.89 -0.39
CA VAL B 120 14.11 -19.78 0.55
C VAL B 120 14.16 -18.48 -0.25
N THR B 121 13.41 -17.48 0.19
CA THR B 121 13.42 -16.17 -0.47
C THR B 121 13.66 -15.11 0.60
N VAL B 122 14.67 -14.27 0.39
CA VAL B 122 14.99 -13.19 1.32
C VAL B 122 14.47 -11.89 0.71
N SER B 123 13.41 -11.34 1.30
CA SER B 123 12.81 -10.12 0.78
C SER B 123 11.97 -9.43 1.86
N SER B 124 11.78 -8.13 1.71
CA SER B 124 11.00 -7.38 2.68
C SER B 124 9.54 -7.29 2.25
N ALA B 125 9.21 -7.88 1.10
CA ALA B 125 7.84 -7.87 0.60
C ALA B 125 7.00 -8.87 1.35
N LYS B 126 5.70 -8.62 1.45
CA LYS B 126 4.81 -9.52 2.19
C LYS B 126 4.22 -10.70 1.40
N THR B 127 3.95 -11.78 2.13
CA THR B 127 3.36 -12.99 1.56
C THR B 127 1.97 -12.67 1.05
N THR B 128 1.66 -13.12 -0.16
CA THR B 128 0.34 -12.89 -0.74
C THR B 128 -0.15 -14.15 -1.42
N PRO B 129 -1.38 -14.59 -1.12
CA PRO B 129 -1.94 -15.80 -1.73
C PRO B 129 -2.27 -15.56 -3.20
N PRO B 130 -2.22 -16.63 -4.02
CA PRO B 130 -2.52 -16.50 -5.45
C PRO B 130 -4.02 -16.57 -5.74
N SER B 131 -4.43 -16.03 -6.89
CA SER B 131 -5.82 -16.09 -7.34
C SER B 131 -5.75 -16.99 -8.56
N VAL B 132 -6.56 -18.05 -8.58
CA VAL B 132 -6.54 -18.99 -9.69
C VAL B 132 -7.77 -18.83 -10.60
N TYR B 133 -7.51 -18.56 -11.87
CA TYR B 133 -8.57 -18.36 -12.86
C TYR B 133 -8.57 -19.44 -13.93
N PRO B 134 -9.75 -20.00 -14.24
CA PRO B 134 -9.83 -21.04 -15.27
C PRO B 134 -9.72 -20.47 -16.69
N LEU B 135 -9.07 -21.22 -17.58
CA LEU B 135 -8.92 -20.78 -18.96
C LEU B 135 -9.61 -21.80 -19.85
N ALA B 136 -10.81 -21.45 -20.29
CA ALA B 136 -11.63 -22.32 -21.13
C ALA B 136 -11.78 -21.75 -22.55
N PRO B 137 -11.83 -22.63 -23.56
CA PRO B 137 -11.97 -22.26 -24.97
C PRO B 137 -13.18 -21.35 -25.24
N GLY B 138 -12.99 -20.39 -26.14
CA GLY B 138 -14.07 -19.48 -26.49
C GLY B 138 -14.74 -19.94 -27.78
N SER B 139 -14.15 -19.58 -28.92
CA SER B 139 -14.69 -19.96 -30.22
C SER B 139 -14.36 -21.41 -30.56
N ALA B 140 -14.54 -22.29 -29.56
CA ALA B 140 -14.26 -23.71 -29.72
C ALA B 140 -14.88 -24.29 -30.99
N ALA B 141 -16.20 -24.34 -31.03
CA ALA B 141 -16.95 -24.87 -32.17
C ALA B 141 -16.91 -26.40 -32.22
N GLN B 142 -17.22 -26.96 -33.38
CA GLN B 142 -17.24 -28.41 -33.57
C GLN B 142 -15.85 -29.02 -33.75
N THR B 143 -14.86 -28.43 -33.09
CA THR B 143 -13.49 -28.93 -33.18
C THR B 143 -13.38 -30.18 -32.30
N ASN B 144 -13.40 -31.36 -32.94
CA ASN B 144 -13.32 -32.62 -32.21
C ASN B 144 -11.92 -33.24 -32.19
N SER B 145 -10.89 -32.39 -32.31
CA SER B 145 -9.51 -32.86 -32.30
C SER B 145 -8.96 -32.85 -30.87
N MET B 146 -7.92 -32.07 -30.65
CA MET B 146 -7.31 -31.95 -29.33
C MET B 146 -7.66 -30.58 -28.75
N VAL B 147 -8.25 -30.58 -27.56
CA VAL B 147 -8.63 -29.32 -26.93
C VAL B 147 -7.58 -28.85 -25.93
N THR B 148 -7.32 -27.54 -25.89
CA THR B 148 -6.35 -26.99 -24.97
C THR B 148 -7.05 -26.17 -23.89
N LEU B 149 -6.72 -26.46 -22.64
CA LEU B 149 -7.29 -25.76 -21.49
C LEU B 149 -6.15 -25.15 -20.69
N GLY B 150 -6.48 -24.42 -19.63
CA GLY B 150 -5.41 -23.83 -18.83
C GLY B 150 -5.89 -23.16 -17.56
N CYS B 151 -4.93 -22.74 -16.74
CA CYS B 151 -5.21 -22.05 -15.49
C CYS B 151 -4.21 -20.91 -15.29
N LEU B 152 -4.73 -19.75 -14.93
CA LEU B 152 -3.90 -18.57 -14.69
C LEU B 152 -3.74 -18.38 -13.18
N VAL B 153 -2.50 -18.36 -12.70
CA VAL B 153 -2.19 -18.19 -11.28
C VAL B 153 -1.55 -16.82 -11.13
N LYS B 154 -2.31 -15.87 -10.60
CA LYS B 154 -1.83 -14.50 -10.51
C LYS B 154 -1.85 -13.84 -9.13
N GLY B 155 -0.98 -12.86 -8.97
CA GLY B 155 -0.89 -12.07 -7.74
C GLY B 155 -0.32 -12.68 -6.48
N TYR B 156 0.64 -13.60 -6.59
CA TYR B 156 1.20 -14.23 -5.40
C TYR B 156 2.67 -13.88 -5.09
N PHE B 157 3.08 -14.18 -3.86
CA PHE B 157 4.45 -13.95 -3.40
C PHE B 157 4.66 -14.68 -2.08
N PRO B 158 5.81 -15.35 -1.91
CA PRO B 158 6.90 -15.48 -2.88
C PRO B 158 6.74 -16.79 -3.65
N GLU B 159 7.76 -17.12 -4.43
CA GLU B 159 7.74 -18.39 -5.15
C GLU B 159 8.00 -19.41 -4.04
N PRO B 160 7.69 -20.69 -4.28
CA PRO B 160 7.12 -21.22 -5.51
C PRO B 160 5.65 -21.58 -5.37
N VAL B 161 5.08 -21.99 -6.50
CA VAL B 161 3.70 -22.43 -6.57
C VAL B 161 3.79 -23.74 -7.32
N THR B 162 2.97 -24.72 -6.94
CA THR B 162 2.98 -26.02 -7.62
C THR B 162 1.64 -26.18 -8.33
N VAL B 163 1.69 -26.71 -9.54
CA VAL B 163 0.48 -26.91 -10.33
C VAL B 163 0.42 -28.31 -10.94
N THR B 164 -0.73 -28.96 -10.78
CA THR B 164 -0.94 -30.29 -11.33
C THR B 164 -2.33 -30.30 -11.94
N TRP B 165 -2.61 -31.33 -12.74
CA TRP B 165 -3.92 -31.47 -13.38
C TRP B 165 -4.49 -32.82 -12.96
N ASN B 166 -5.68 -32.78 -12.38
CA ASN B 166 -6.36 -33.98 -11.89
C ASN B 166 -5.48 -34.74 -10.87
N SER B 167 -4.93 -33.97 -9.94
CA SER B 167 -4.08 -34.50 -8.86
C SER B 167 -2.86 -35.27 -9.34
N GLY B 168 -2.39 -34.96 -10.55
CA GLY B 168 -1.22 -35.64 -11.09
C GLY B 168 -1.59 -36.72 -12.08
N SER B 169 -2.88 -37.00 -12.20
CA SER B 169 -3.40 -38.01 -13.12
C SER B 169 -3.01 -37.62 -14.54
N LEU B 170 -3.25 -36.35 -14.85
CA LEU B 170 -2.95 -35.80 -16.16
C LEU B 170 -1.51 -35.29 -16.18
N SER B 171 -0.59 -36.11 -16.67
CA SER B 171 0.81 -35.70 -16.73
C SER B 171 1.25 -35.38 -18.16
N SER B 172 0.72 -36.13 -19.13
CA SER B 172 1.08 -35.94 -20.54
C SER B 172 0.34 -34.76 -21.20
N GLY B 173 1.08 -33.96 -21.95
CA GLY B 173 0.49 -32.82 -22.63
C GLY B 173 0.31 -31.60 -21.74
N VAL B 174 1.10 -31.52 -20.68
CA VAL B 174 1.05 -30.42 -19.73
C VAL B 174 2.29 -29.54 -19.76
N HIS B 175 2.07 -28.23 -19.86
CA HIS B 175 3.16 -27.25 -19.88
C HIS B 175 2.90 -26.21 -18.79
N THR B 176 3.83 -26.05 -17.86
CA THR B 176 3.69 -25.03 -16.82
C THR B 176 4.82 -24.04 -17.01
N PHE B 177 4.45 -22.83 -17.41
CA PHE B 177 5.37 -21.75 -17.70
C PHE B 177 6.02 -21.08 -16.50
N PRO B 178 7.31 -20.76 -16.61
CA PRO B 178 8.05 -20.10 -15.52
C PRO B 178 7.35 -18.84 -15.03
N ALA B 179 7.31 -18.66 -13.72
CA ALA B 179 6.66 -17.49 -13.12
C ALA B 179 7.42 -16.23 -13.53
N VAL B 180 6.69 -15.12 -13.64
CA VAL B 180 7.28 -13.84 -14.00
C VAL B 180 6.90 -12.83 -12.92
N LEU B 181 7.90 -12.10 -12.42
CA LEU B 181 7.67 -11.12 -11.37
C LEU B 181 7.47 -9.70 -11.87
N GLN B 182 6.56 -8.99 -11.22
CA GLN B 182 6.28 -7.62 -11.58
C GLN B 182 5.47 -6.96 -10.47
N SER B 183 6.03 -5.88 -9.91
CA SER B 183 5.40 -5.14 -8.82
C SER B 183 5.35 -5.95 -7.53
N ASP B 184 6.40 -6.74 -7.30
CA ASP B 184 6.51 -7.57 -6.10
C ASP B 184 5.51 -8.73 -6.11
N LEU B 185 4.94 -9.02 -7.28
CA LEU B 185 3.98 -10.12 -7.39
C LEU B 185 4.25 -11.02 -8.61
N TYR B 186 4.11 -12.32 -8.40
CA TYR B 186 4.35 -13.33 -9.44
C TYR B 186 3.09 -13.77 -10.19
N THR B 187 3.26 -14.17 -11.44
CA THR B 187 2.14 -14.66 -12.25
C THR B 187 2.63 -15.74 -13.19
N LEU B 188 1.85 -16.80 -13.31
CA LEU B 188 2.19 -17.89 -14.22
C LEU B 188 0.92 -18.56 -14.64
N SER B 189 1.06 -19.57 -15.49
CA SER B 189 -0.09 -20.31 -15.96
C SER B 189 0.38 -21.67 -16.41
N SER B 190 -0.56 -22.60 -16.57
CA SER B 190 -0.25 -23.94 -17.02
C SER B 190 -1.26 -24.28 -18.09
N SER B 191 -0.84 -24.99 -19.12
CA SER B 191 -1.76 -25.39 -20.16
C SER B 191 -1.76 -26.91 -20.25
N VAL B 192 -2.90 -27.48 -20.61
CA VAL B 192 -3.01 -28.90 -20.77
C VAL B 192 -3.87 -29.19 -22.00
N THR B 193 -3.43 -30.14 -22.80
CA THR B 193 -4.16 -30.52 -24.01
C THR B 193 -4.64 -31.97 -23.87
N VAL B 194 -5.93 -32.17 -24.07
CA VAL B 194 -6.53 -33.50 -23.96
C VAL B 194 -7.42 -33.75 -25.18
N PRO B 195 -7.67 -35.02 -25.51
CA PRO B 195 -8.52 -35.29 -26.67
C PRO B 195 -9.91 -34.67 -26.49
N SER B 196 -10.37 -33.96 -27.53
CA SER B 196 -11.66 -33.31 -27.50
C SER B 196 -12.77 -34.23 -27.02
N SER B 197 -12.70 -35.49 -27.44
CA SER B 197 -13.68 -36.49 -27.05
C SER B 197 -13.67 -36.86 -25.57
N THR B 198 -12.84 -36.19 -24.78
CA THR B 198 -12.75 -36.49 -23.35
C THR B 198 -13.08 -35.28 -22.47
N TRP B 199 -13.40 -34.16 -23.10
CA TRP B 199 -13.74 -32.93 -22.39
C TRP B 199 -14.73 -32.14 -23.22
N PRO B 200 -15.76 -31.56 -22.58
CA PRO B 200 -16.02 -31.63 -21.13
C PRO B 200 -16.50 -32.99 -20.67
N SER B 201 -16.43 -33.98 -21.55
CA SER B 201 -16.84 -35.35 -21.25
C SER B 201 -16.38 -35.71 -19.84
N GLU B 202 -15.07 -35.86 -19.68
CA GLU B 202 -14.48 -36.18 -18.39
C GLU B 202 -14.03 -34.86 -17.75
N THR B 203 -14.10 -34.80 -16.43
CA THR B 203 -13.71 -33.61 -15.68
C THR B 203 -12.21 -33.35 -15.72
N VAL B 204 -11.85 -32.07 -15.81
CA VAL B 204 -10.45 -31.64 -15.84
C VAL B 204 -10.34 -30.51 -14.82
N THR B 205 -9.44 -30.66 -13.86
CA THR B 205 -9.25 -29.68 -12.80
C THR B 205 -7.77 -29.38 -12.53
N CYS B 206 -7.43 -28.11 -12.36
CA CYS B 206 -6.04 -27.76 -12.06
C CYS B 206 -5.92 -27.56 -10.56
N ASN B 207 -4.87 -28.14 -9.97
CA ASN B 207 -4.63 -28.07 -8.55
C ASN B 207 -3.46 -27.14 -8.28
N VAL B 208 -3.71 -26.06 -7.53
CA VAL B 208 -2.67 -25.09 -7.23
C VAL B 208 -2.36 -25.01 -5.74
N ALA B 209 -1.07 -25.12 -5.42
CA ALA B 209 -0.62 -25.05 -4.04
C ALA B 209 0.41 -23.95 -3.87
N HIS B 210 0.25 -23.17 -2.80
CA HIS B 210 1.17 -22.08 -2.47
C HIS B 210 1.47 -22.21 -0.98
N PRO B 211 2.48 -23.00 -0.61
CA PRO B 211 2.90 -23.25 0.77
C PRO B 211 3.11 -22.03 1.65
N ALA B 212 3.77 -21.00 1.12
CA ALA B 212 4.03 -19.80 1.90
C ALA B 212 2.76 -19.22 2.52
N SER B 213 1.64 -19.28 1.81
CA SER B 213 0.39 -18.75 2.32
C SER B 213 -0.55 -19.88 2.73
N SER B 214 -0.01 -21.09 2.81
CA SER B 214 -0.81 -22.25 3.19
C SER B 214 -2.10 -22.33 2.37
N THR B 215 -1.98 -22.03 1.09
CA THR B 215 -3.13 -22.06 0.19
C THR B 215 -3.15 -23.32 -0.66
N LYS B 216 -4.36 -23.82 -0.91
CA LYS B 216 -4.55 -25.00 -1.74
C LYS B 216 -5.86 -24.78 -2.50
N VAL B 217 -5.78 -24.64 -3.81
CA VAL B 217 -6.96 -24.39 -4.63
C VAL B 217 -7.11 -25.36 -5.78
N ASP B 218 -8.35 -25.81 -5.99
CA ASP B 218 -8.64 -26.72 -7.08
C ASP B 218 -9.72 -26.08 -7.95
N LYS B 219 -9.33 -25.68 -9.15
CA LYS B 219 -10.26 -25.02 -10.07
C LYS B 219 -10.67 -25.91 -11.23
N LYS B 220 -11.96 -26.27 -11.25
CA LYS B 220 -12.50 -27.09 -12.32
C LYS B 220 -12.69 -26.19 -13.53
N ILE B 221 -12.36 -26.71 -14.71
CA ILE B 221 -12.51 -25.95 -15.94
C ILE B 221 -13.85 -26.27 -16.58
N VAL B 222 -14.75 -25.29 -16.58
CA VAL B 222 -16.08 -25.46 -17.15
C VAL B 222 -16.16 -24.81 -18.52
N PRO B 223 -16.80 -25.49 -19.49
CA PRO B 223 -16.91 -24.95 -20.84
C PRO B 223 -17.73 -23.67 -20.94
N ARG B 224 -17.43 -22.88 -21.96
CA ARG B 224 -18.13 -21.61 -22.21
C ARG B 224 -19.52 -21.93 -22.74
N ASP B 225 -20.54 -21.76 -21.90
CA ASP B 225 -21.90 -22.05 -22.30
C ASP B 225 -22.44 -21.01 -23.27
N CYS B 226 -23.51 -20.32 -22.86
CA CYS B 226 -24.14 -19.30 -23.70
C CYS B 226 -24.39 -19.78 -25.13
N ASP C 1 -39.55 15.03 8.88
CA ASP C 1 -38.14 15.48 9.06
C ASP C 1 -37.78 15.60 10.54
N ILE C 2 -38.79 15.81 11.38
CA ILE C 2 -38.59 15.98 12.83
C ILE C 2 -37.54 17.05 13.07
N VAL C 3 -37.97 18.17 13.62
CA VAL C 3 -37.08 19.29 13.88
C VAL C 3 -36.56 19.22 15.31
N MET C 4 -35.24 19.33 15.45
CA MET C 4 -34.57 19.29 16.76
C MET C 4 -34.15 20.68 17.21
N SER C 5 -34.61 21.06 18.40
CA SER C 5 -34.33 22.37 18.95
C SER C 5 -33.45 22.32 20.19
N GLN C 6 -32.40 23.12 20.20
CA GLN C 6 -31.47 23.19 21.34
C GLN C 6 -31.37 24.62 21.86
N PHE C 7 -32.10 24.88 22.94
CA PHE C 7 -32.09 26.21 23.53
C PHE C 7 -32.04 26.15 25.05
N PRO C 8 -31.21 27.00 25.67
CA PRO C 8 -30.35 28.01 25.05
C PRO C 8 -29.25 27.47 24.15
N SER C 9 -28.92 28.23 23.10
CA SER C 9 -27.90 27.82 22.13
C SER C 9 -26.47 28.16 22.55
N SER C 10 -26.33 28.87 23.67
CA SER C 10 -25.02 29.24 24.17
C SER C 10 -25.05 29.16 25.70
N LEU C 11 -23.98 28.64 26.30
CA LEU C 11 -23.87 28.51 27.76
C LEU C 11 -22.44 28.78 28.24
N ALA C 12 -22.31 29.47 29.37
CA ALA C 12 -20.98 29.76 29.91
C ALA C 12 -20.91 29.35 31.38
N VAL C 13 -19.87 28.60 31.75
CA VAL C 13 -19.68 28.13 33.11
C VAL C 13 -18.21 28.04 33.52
N SER C 14 -17.97 28.07 34.82
CA SER C 14 -16.63 27.95 35.36
C SER C 14 -16.35 26.48 35.58
N ALA C 15 -15.08 26.09 35.48
CA ALA C 15 -14.69 24.71 35.68
C ALA C 15 -15.09 24.25 37.08
N GLY C 16 -15.53 23.00 37.19
CA GLY C 16 -15.94 22.47 38.48
C GLY C 16 -17.43 22.56 38.72
N GLU C 17 -18.12 23.34 37.88
CA GLU C 17 -19.56 23.54 38.01
C GLU C 17 -20.41 22.62 37.15
N LYS C 18 -21.66 22.45 37.58
CA LYS C 18 -22.63 21.61 36.89
C LYS C 18 -23.14 22.28 35.61
N VAL C 19 -23.42 21.48 34.59
CA VAL C 19 -23.93 22.01 33.33
C VAL C 19 -25.00 21.09 32.74
N THR C 20 -26.11 21.69 32.31
CA THR C 20 -27.19 20.93 31.69
C THR C 20 -27.60 21.62 30.38
N MET C 21 -27.68 20.84 29.31
CA MET C 21 -28.05 21.33 27.99
C MET C 21 -29.36 20.71 27.54
N SER C 22 -30.21 21.50 26.88
CA SER C 22 -31.53 21.05 26.43
C SER C 22 -31.69 20.70 24.96
N CYS C 23 -32.48 19.65 24.69
CA CYS C 23 -32.77 19.21 23.32
C CYS C 23 -34.22 18.73 23.28
N LYS C 24 -35.01 19.35 22.39
CA LYS C 24 -36.42 19.00 22.24
C LYS C 24 -36.74 18.66 20.80
N SER C 25 -37.59 17.66 20.59
CA SER C 25 -37.95 17.24 19.23
C SER C 25 -39.41 17.60 18.90
N SER C 26 -39.68 17.88 17.63
CA SER C 26 -41.03 18.23 17.20
C SER C 26 -41.99 17.03 17.25
N GLN C 27 -41.44 15.82 17.34
CA GLN C 27 -42.23 14.60 17.41
C GLN C 27 -41.54 13.65 18.38
N SER C 28 -42.31 12.75 19.02
CA SER C 28 -41.73 11.80 19.96
C SER C 28 -40.70 10.88 19.29
N LEU C 29 -39.63 10.58 20.02
CA LEU C 29 -38.57 9.69 19.53
C LEU C 29 -38.62 8.35 20.26
N LEU C 30 -39.70 8.12 21.01
CA LEU C 30 -39.90 6.89 21.78
C LEU C 30 -40.47 5.74 20.94
N ASN C 31 -39.72 4.66 20.83
CA ASN C 31 -40.18 3.49 20.06
C ASN C 31 -40.99 2.61 21.02
N SER C 32 -42.28 2.42 20.72
CA SER C 32 -43.17 1.63 21.59
C SER C 32 -42.81 0.15 21.68
N ARG C 33 -41.99 -0.33 20.75
CA ARG C 33 -41.60 -1.75 20.77
C ARG C 33 -40.39 -2.00 21.66
N THR C 34 -39.38 -1.13 21.57
CA THR C 34 -38.17 -1.30 22.37
C THR C 34 -38.14 -0.55 23.68
N ARG C 35 -39.08 0.39 23.86
CA ARG C 35 -39.14 1.19 25.09
C ARG C 35 -37.88 2.03 25.31
N LYS C 36 -37.30 2.50 24.22
CA LYS C 36 -36.11 3.36 24.25
C LYS C 36 -36.38 4.55 23.33
N SER C 37 -35.76 5.69 23.64
CA SER C 37 -35.89 6.89 22.81
C SER C 37 -34.61 6.96 21.96
N TYR C 38 -34.77 7.18 20.66
CA TYR C 38 -33.62 7.22 19.76
C TYR C 38 -33.04 8.62 19.61
N LEU C 39 -32.25 9.02 20.60
CA LEU C 39 -31.61 10.32 20.65
C LEU C 39 -30.16 10.17 21.10
N ALA C 40 -29.26 10.88 20.42
CA ALA C 40 -27.84 10.82 20.71
C ALA C 40 -27.25 12.23 20.87
N TRP C 41 -26.12 12.29 21.56
CA TRP C 41 -25.40 13.55 21.79
C TRP C 41 -23.98 13.42 21.22
N TYR C 42 -23.52 14.47 20.56
CA TYR C 42 -22.19 14.52 19.96
C TYR C 42 -21.45 15.76 20.43
N GLN C 43 -20.15 15.61 20.59
CA GLN C 43 -19.30 16.71 21.04
C GLN C 43 -18.35 17.12 19.92
N GLN C 44 -18.32 18.40 19.58
CA GLN C 44 -17.40 18.84 18.54
C GLN C 44 -16.52 19.97 19.07
N LYS C 45 -15.28 19.63 19.39
CA LYS C 45 -14.35 20.62 19.91
C LYS C 45 -13.90 21.52 18.76
N PRO C 46 -13.41 22.73 19.08
CA PRO C 46 -12.97 23.64 18.02
C PRO C 46 -12.00 23.04 17.00
N GLY C 47 -12.38 23.10 15.74
CA GLY C 47 -11.54 22.60 14.67
C GLY C 47 -11.40 21.11 14.49
N GLN C 48 -12.14 20.30 15.24
CA GLN C 48 -12.04 18.84 15.12
C GLN C 48 -13.33 18.25 14.59
N PHE C 49 -13.35 16.94 14.35
CA PHE C 49 -14.58 16.30 13.89
C PHE C 49 -15.41 15.94 15.13
N PRO C 50 -16.71 15.67 14.95
CA PRO C 50 -17.53 15.31 16.12
C PRO C 50 -17.24 13.94 16.70
N LYS C 51 -17.62 13.78 17.97
CA LYS C 51 -17.41 12.54 18.71
C LYS C 51 -18.71 12.15 19.41
N LEU C 52 -19.10 10.88 19.24
CA LEU C 52 -20.31 10.36 19.86
C LEU C 52 -20.08 10.24 21.37
N LEU C 53 -21.03 10.75 22.15
CA LEU C 53 -20.94 10.70 23.60
C LEU C 53 -21.98 9.74 24.19
N ILE C 54 -23.23 9.93 23.77
CA ILE C 54 -24.37 9.15 24.27
C ILE C 54 -25.37 8.75 23.17
N TYR C 55 -26.00 7.58 23.30
CA TYR C 55 -27.03 7.14 22.36
C TYR C 55 -28.18 6.47 23.14
N TRP C 56 -29.29 6.22 22.47
CA TRP C 56 -30.48 5.66 23.13
C TRP C 56 -30.85 6.52 24.34
N ALA C 57 -30.63 7.83 24.18
CA ALA C 57 -30.92 8.85 25.18
C ALA C 57 -30.05 8.84 26.43
N ALA C 58 -29.73 7.66 26.94
CA ALA C 58 -28.94 7.58 28.16
C ALA C 58 -27.80 6.58 28.22
N THR C 59 -27.46 5.96 27.09
CA THR C 59 -26.36 5.01 27.09
C THR C 59 -25.03 5.68 26.73
N ARG C 60 -24.06 5.58 27.63
CA ARG C 60 -22.75 6.18 27.42
C ARG C 60 -21.89 5.34 26.48
N GLU C 61 -21.32 5.98 25.46
CA GLU C 61 -20.46 5.30 24.50
C GLU C 61 -19.15 4.88 25.17
N SER C 62 -18.55 3.81 24.66
CA SER C 62 -17.31 3.30 25.24
C SER C 62 -16.21 4.36 25.24
N GLY C 63 -15.56 4.53 26.38
CA GLY C 63 -14.49 5.51 26.48
C GLY C 63 -14.93 6.90 26.89
N VAL C 64 -16.22 7.08 27.19
CA VAL C 64 -16.73 8.39 27.60
C VAL C 64 -16.75 8.50 29.12
N PRO C 65 -16.15 9.55 29.68
CA PRO C 65 -16.11 9.76 31.14
C PRO C 65 -17.50 9.75 31.76
N ASP C 66 -17.59 9.25 32.99
CA ASP C 66 -18.86 9.20 33.69
C ASP C 66 -19.38 10.59 34.04
N ARG C 67 -18.57 11.60 33.77
CA ARG C 67 -18.96 12.98 34.04
C ARG C 67 -20.14 13.37 33.14
N PHE C 68 -20.25 12.72 31.97
CA PHE C 68 -21.33 13.00 31.03
C PHE C 68 -22.52 12.06 31.24
N THR C 69 -23.71 12.63 31.33
CA THR C 69 -24.92 11.84 31.54
C THR C 69 -26.11 12.34 30.72
N GLY C 70 -26.78 11.40 30.04
CA GLY C 70 -27.94 11.75 29.23
C GLY C 70 -29.23 11.26 29.86
N SER C 71 -30.31 12.01 29.67
CA SER C 71 -31.60 11.63 30.24
C SER C 71 -32.77 12.21 29.45
N GLY C 72 -33.98 11.82 29.82
CA GLY C 72 -35.17 12.29 29.13
C GLY C 72 -35.83 11.19 28.32
N SER C 73 -37.06 11.43 27.87
CA SER C 73 -37.82 10.48 27.07
C SER C 73 -38.85 11.27 26.27
N GLY C 74 -39.35 10.69 25.17
CA GLY C 74 -40.36 11.34 24.37
C GLY C 74 -39.89 12.49 23.49
N THR C 75 -40.10 13.72 23.96
CA THR C 75 -39.69 14.90 23.19
C THR C 75 -38.76 15.85 23.94
N ASP C 76 -38.49 15.54 25.22
CA ASP C 76 -37.64 16.41 26.04
C ASP C 76 -36.44 15.63 26.55
N PHE C 77 -35.23 16.11 26.23
CA PHE C 77 -34.01 15.44 26.64
C PHE C 77 -32.97 16.43 27.14
N THR C 78 -32.05 15.93 27.96
CA THR C 78 -30.99 16.78 28.50
C THR C 78 -29.65 16.05 28.58
N LEU C 79 -28.57 16.82 28.51
CA LEU C 79 -27.22 16.29 28.61
C LEU C 79 -26.63 17.03 29.80
N THR C 80 -26.11 16.27 30.75
CA THR C 80 -25.54 16.87 31.94
C THR C 80 -24.07 16.55 32.08
N ILE C 81 -23.30 17.52 32.55
CA ILE C 81 -21.88 17.34 32.79
C ILE C 81 -21.67 17.62 34.27
N SER C 82 -21.44 16.56 35.03
CA SER C 82 -21.23 16.63 36.48
C SER C 82 -20.35 17.81 36.88
N SER C 83 -19.08 17.69 36.55
CA SER C 83 -18.09 18.71 36.87
C SER C 83 -17.33 19.07 35.60
N VAL C 84 -17.71 20.19 35.00
CA VAL C 84 -17.09 20.65 33.76
C VAL C 84 -15.58 20.89 33.87
N GLN C 85 -14.86 20.48 32.84
CA GLN C 85 -13.42 20.68 32.79
C GLN C 85 -13.07 21.54 31.58
N ALA C 86 -11.96 22.26 31.66
CA ALA C 86 -11.53 23.15 30.58
C ALA C 86 -11.58 22.47 29.21
N GLU C 87 -11.21 21.20 29.17
CA GLU C 87 -11.21 20.43 27.93
C GLU C 87 -12.61 20.10 27.40
N ASP C 88 -13.64 20.38 28.17
CA ASP C 88 -15.00 20.09 27.70
C ASP C 88 -15.50 21.21 26.78
N LEU C 89 -14.65 22.21 26.56
CA LEU C 89 -14.97 23.33 25.69
C LEU C 89 -15.34 22.78 24.31
N ALA C 90 -16.56 23.05 23.84
CA ALA C 90 -17.00 22.54 22.54
C ALA C 90 -18.44 22.91 22.21
N VAL C 91 -18.91 22.48 21.04
CA VAL C 91 -20.30 22.71 20.65
C VAL C 91 -20.93 21.32 20.73
N TYR C 92 -22.05 21.20 21.43
CA TYR C 92 -22.73 19.92 21.60
C TYR C 92 -23.99 19.82 20.77
N TYR C 93 -24.10 18.78 19.96
CA TYR C 93 -25.27 18.56 19.12
C TYR C 93 -26.06 17.32 19.51
N CYS C 94 -27.39 17.41 19.46
CA CYS C 94 -28.21 16.24 19.72
C CYS C 94 -28.66 15.77 18.34
N LYS C 95 -29.08 14.52 18.23
CA LYS C 95 -29.47 13.98 16.93
C LYS C 95 -30.47 12.84 17.09
N GLN C 96 -31.60 12.93 16.40
CA GLN C 96 -32.61 11.87 16.46
C GLN C 96 -32.31 10.83 15.39
N SER C 97 -32.61 9.56 15.71
CA SER C 97 -32.42 8.48 14.75
C SER C 97 -33.71 7.66 14.71
N TYR C 98 -34.81 8.27 15.15
CA TYR C 98 -36.11 7.58 15.16
C TYR C 98 -36.63 7.39 13.74
N ASN C 99 -36.44 8.40 12.89
CA ASN C 99 -36.85 8.32 11.49
C ASN C 99 -35.77 9.02 10.67
N LEU C 100 -34.93 8.23 9.99
CA LEU C 100 -33.80 8.76 9.25
C LEU C 100 -32.99 9.44 10.36
N ARG C 101 -32.36 10.59 10.10
CA ARG C 101 -31.60 11.31 11.16
C ARG C 101 -31.70 12.83 10.99
N THR C 102 -31.63 13.55 12.10
CA THR C 102 -31.68 15.01 12.08
C THR C 102 -30.94 15.56 13.28
N PHE C 103 -30.08 16.54 13.03
CA PHE C 103 -29.30 17.19 14.08
C PHE C 103 -29.98 18.45 14.56
N GLY C 104 -29.71 18.81 15.82
CA GLY C 104 -30.25 20.04 16.35
C GLY C 104 -29.24 21.11 15.99
N GLY C 105 -29.53 22.36 16.34
CA GLY C 105 -28.63 23.47 16.01
C GLY C 105 -27.40 23.62 16.87
N GLY C 106 -27.29 22.80 17.91
CA GLY C 106 -26.13 22.85 18.80
C GLY C 106 -26.15 23.90 19.89
N THR C 107 -25.45 23.59 20.98
CA THR C 107 -25.30 24.50 22.11
C THR C 107 -23.81 24.67 22.36
N LYS C 108 -23.31 25.90 22.24
CA LYS C 108 -21.91 26.21 22.43
C LYS C 108 -21.56 26.43 23.91
N LEU C 109 -20.66 25.61 24.43
CA LEU C 109 -20.24 25.70 25.82
C LEU C 109 -18.98 26.58 25.93
N GLU C 110 -19.04 27.59 26.79
CA GLU C 110 -17.93 28.51 27.01
C GLU C 110 -17.39 28.39 28.42
N ILE C 111 -16.06 28.40 28.57
CA ILE C 111 -15.44 28.29 29.88
C ILE C 111 -15.13 29.65 30.48
N LYS C 112 -15.69 29.92 31.66
CA LYS C 112 -15.45 31.17 32.38
C LYS C 112 -14.12 31.07 33.12
N ARG C 113 -13.32 32.13 33.01
CA ARG C 113 -12.02 32.18 33.67
C ARG C 113 -11.74 33.60 34.14
N ALA C 114 -10.62 33.79 34.83
CA ALA C 114 -10.25 35.11 35.34
C ALA C 114 -10.04 36.09 34.19
N ASP C 115 -10.50 37.33 34.35
CA ASP C 115 -10.32 38.34 33.30
C ASP C 115 -8.83 38.50 33.02
N ALA C 116 -8.46 38.56 31.75
CA ALA C 116 -7.05 38.71 31.37
C ALA C 116 -6.83 39.75 30.29
N ALA C 117 -5.73 40.48 30.42
CA ALA C 117 -5.37 41.51 29.46
C ALA C 117 -4.70 40.88 28.25
N PRO C 118 -4.88 41.49 27.06
CA PRO C 118 -4.25 40.91 25.87
C PRO C 118 -2.77 41.28 25.76
N THR C 119 -2.03 40.44 25.06
CA THR C 119 -0.63 40.69 24.78
C THR C 119 -0.73 41.25 23.36
N VAL C 120 -0.32 42.50 23.17
CA VAL C 120 -0.43 43.16 21.88
C VAL C 120 0.88 43.24 21.11
N SER C 121 0.80 42.94 19.81
CA SER C 121 1.95 43.02 18.92
C SER C 121 1.51 43.76 17.65
N ILE C 122 2.36 44.67 17.17
CA ILE C 122 2.05 45.37 15.93
C ILE C 122 3.16 45.04 14.93
N PHE C 123 2.78 44.91 13.66
CA PHE C 123 3.74 44.56 12.60
C PHE C 123 3.61 45.47 11.39
N PRO C 124 4.72 46.06 10.93
CA PRO C 124 4.66 46.94 9.77
C PRO C 124 4.51 46.07 8.52
N PRO C 125 4.16 46.68 7.38
CA PRO C 125 4.04 45.87 6.17
C PRO C 125 5.43 45.36 5.85
N SER C 126 5.53 44.17 5.29
CA SER C 126 6.81 43.58 4.94
C SER C 126 7.34 44.19 3.64
N SER C 127 8.66 44.23 3.51
CA SER C 127 9.27 44.77 2.31
C SER C 127 8.77 43.99 1.09
N GLU C 128 8.57 42.69 1.29
CA GLU C 128 8.08 41.83 0.22
C GLU C 128 6.71 42.26 -0.29
N GLN C 129 5.83 42.70 0.62
CA GLN C 129 4.50 43.12 0.20
C GLN C 129 4.52 44.48 -0.48
N LEU C 130 5.37 45.39 0.00
CA LEU C 130 5.46 46.72 -0.60
C LEU C 130 5.75 46.59 -2.09
N THR C 131 6.63 45.65 -2.43
CA THR C 131 7.00 45.41 -3.82
C THR C 131 5.83 44.71 -4.52
N SER C 132 4.70 45.40 -4.57
CA SER C 132 3.49 44.89 -5.21
C SER C 132 2.42 45.98 -5.11
N GLY C 133 2.75 47.02 -4.35
CA GLY C 133 1.84 48.14 -4.18
C GLY C 133 0.87 48.07 -3.03
N GLY C 134 1.02 47.07 -2.17
CA GLY C 134 0.11 46.94 -1.04
C GLY C 134 0.82 47.21 0.27
N ALA C 135 0.06 47.54 1.30
CA ALA C 135 0.63 47.82 2.62
C ALA C 135 -0.34 47.41 3.71
N SER C 136 -0.12 46.23 4.29
CA SER C 136 -0.97 45.74 5.36
C SER C 136 -0.28 45.88 6.70
N VAL C 137 -0.90 46.63 7.62
CA VAL C 137 -0.35 46.81 8.96
C VAL C 137 -1.16 45.87 9.84
N VAL C 138 -0.48 44.97 10.55
CA VAL C 138 -1.16 43.97 11.36
C VAL C 138 -0.94 44.10 12.87
N CYS C 139 -2.00 43.85 13.62
CA CYS C 139 -1.96 43.92 15.08
C CYS C 139 -2.59 42.66 15.68
N PHE C 140 -1.86 41.98 16.57
CA PHE C 140 -2.38 40.80 17.25
C PHE C 140 -2.73 41.18 18.68
N LEU C 141 -3.92 40.80 19.15
CA LEU C 141 -4.32 41.03 20.54
C LEU C 141 -4.49 39.57 21.01
N ASN C 142 -3.44 39.03 21.63
CA ASN C 142 -3.44 37.63 22.05
C ASN C 142 -3.74 37.27 23.50
N ASN C 143 -4.42 36.12 23.64
CA ASN C 143 -4.76 35.51 24.93
C ASN C 143 -5.42 36.37 26.02
N PHE C 144 -6.60 36.91 25.72
CA PHE C 144 -7.30 37.75 26.68
C PHE C 144 -8.65 37.14 27.07
N TYR C 145 -9.32 37.77 28.04
CA TYR C 145 -10.63 37.31 28.50
C TYR C 145 -11.29 38.43 29.30
N PRO C 146 -12.59 38.68 29.09
CA PRO C 146 -13.55 38.03 28.18
C PRO C 146 -13.30 38.29 26.69
N LYS C 147 -14.16 37.72 25.87
CA LYS C 147 -14.04 37.84 24.42
C LYS C 147 -14.19 39.27 23.89
N ASP C 148 -15.05 40.05 24.51
CA ASP C 148 -15.27 41.41 24.05
C ASP C 148 -14.04 42.27 24.26
N ILE C 149 -13.67 43.01 23.21
CA ILE C 149 -12.51 43.87 23.27
C ILE C 149 -12.61 44.83 22.08
N ASN C 150 -11.96 45.99 22.20
CA ASN C 150 -12.00 46.97 21.12
C ASN C 150 -10.60 47.34 20.66
N VAL C 151 -10.46 47.59 19.36
CA VAL C 151 -9.17 47.98 18.82
C VAL C 151 -9.34 49.28 18.05
N LYS C 152 -8.41 50.20 18.26
CA LYS C 152 -8.47 51.50 17.61
C LYS C 152 -7.17 51.80 16.89
N TRP C 153 -7.26 52.17 15.62
CA TRP C 153 -6.09 52.48 14.81
C TRP C 153 -5.90 53.99 14.70
N LYS C 154 -4.63 54.41 14.77
CA LYS C 154 -4.29 55.83 14.63
C LYS C 154 -3.09 55.99 13.70
N ILE C 155 -3.22 56.91 12.73
CA ILE C 155 -2.14 57.20 11.79
C ILE C 155 -1.72 58.64 12.05
N ASP C 156 -0.43 58.85 12.35
CA ASP C 156 0.06 60.18 12.67
C ASP C 156 -0.82 60.80 13.76
N GLY C 157 -1.27 59.96 14.70
CA GLY C 157 -2.09 60.43 15.80
C GLY C 157 -3.58 60.59 15.54
N SER C 158 -4.00 60.40 14.29
CA SER C 158 -5.41 60.53 13.94
C SER C 158 -6.10 59.18 13.74
N GLU C 159 -7.29 59.03 14.31
CA GLU C 159 -8.04 57.79 14.20
C GLU C 159 -8.44 57.43 12.78
N ARG C 160 -8.30 56.16 12.43
CA ARG C 160 -8.65 55.66 11.10
C ARG C 160 -9.63 54.49 11.24
N GLN C 161 -10.70 54.49 10.47
CA GLN C 161 -11.68 53.41 10.56
C GLN C 161 -11.93 52.65 9.25
N ASN C 162 -11.97 53.37 8.12
CA ASN C 162 -12.17 52.72 6.84
C ASN C 162 -10.98 51.81 6.56
N GLY C 163 -11.24 50.61 6.05
CA GLY C 163 -10.16 49.71 5.71
C GLY C 163 -9.65 48.80 6.79
N VAL C 164 -10.37 48.69 7.90
CA VAL C 164 -9.95 47.81 8.98
C VAL C 164 -10.78 46.53 9.02
N LEU C 165 -10.12 45.38 9.09
CA LEU C 165 -10.80 44.08 9.17
C LEU C 165 -10.35 43.36 10.44
N ASN C 166 -11.33 42.89 11.22
CA ASN C 166 -11.06 42.20 12.48
C ASN C 166 -11.54 40.75 12.46
N SER C 167 -10.83 39.88 13.16
CA SER C 167 -11.19 38.47 13.21
C SER C 167 -10.83 37.85 14.57
N TRP C 168 -11.80 37.18 15.19
CA TRP C 168 -11.63 36.53 16.49
C TRP C 168 -11.50 35.01 16.35
N THR C 169 -10.64 34.42 17.15
CA THR C 169 -10.47 32.97 17.14
C THR C 169 -11.50 32.40 18.10
N ASP C 170 -11.70 31.09 18.07
CA ASP C 170 -12.63 30.47 19.02
C ASP C 170 -11.87 30.41 20.34
N GLN C 171 -12.56 30.10 21.42
CA GLN C 171 -11.90 30.01 22.71
C GLN C 171 -10.88 28.87 22.67
N ASP C 172 -9.73 29.09 23.32
CA ASP C 172 -8.66 28.09 23.34
C ASP C 172 -8.87 27.05 24.44
N SER C 173 -8.78 25.77 24.07
CA SER C 173 -8.95 24.65 24.99
C SER C 173 -8.04 24.81 26.21
N LYS C 174 -6.79 25.16 25.96
CA LYS C 174 -5.83 25.34 27.05
C LYS C 174 -5.65 26.83 27.35
N ASP C 175 -6.07 27.23 28.53
CA ASP C 175 -6.00 28.58 29.08
C ASP C 175 -7.31 29.34 28.95
N SER C 176 -8.25 28.77 28.18
CA SER C 176 -9.58 29.35 27.98
C SER C 176 -9.61 30.83 27.61
N THR C 177 -8.66 31.27 26.80
CA THR C 177 -8.60 32.67 26.38
C THR C 177 -9.06 32.79 24.94
N TYR C 178 -9.17 34.02 24.48
CA TYR C 178 -9.54 34.32 23.10
C TYR C 178 -8.42 35.17 22.52
N SER C 179 -8.36 35.24 21.20
CA SER C 179 -7.38 36.07 20.51
C SER C 179 -8.04 36.70 19.30
N MET C 180 -7.49 37.79 18.80
CA MET C 180 -8.07 38.45 17.63
C MET C 180 -7.02 39.26 16.87
N SER C 181 -7.23 39.38 15.57
CA SER C 181 -6.31 40.14 14.75
C SER C 181 -7.06 41.33 14.16
N SER C 182 -6.32 42.41 13.94
CA SER C 182 -6.87 43.62 13.34
C SER C 182 -5.88 43.96 12.23
N THR C 183 -6.37 44.09 11.00
CA THR C 183 -5.52 44.37 9.85
C THR C 183 -5.98 45.60 9.09
N LEU C 184 -5.09 46.57 9.00
CA LEU C 184 -5.37 47.83 8.29
C LEU C 184 -4.67 47.72 6.95
N THR C 185 -5.43 47.73 5.87
CA THR C 185 -4.84 47.62 4.54
C THR C 185 -4.91 48.94 3.78
N LEU C 186 -3.74 49.39 3.33
CA LEU C 186 -3.59 50.63 2.58
C LEU C 186 -2.82 50.32 1.30
N THR C 187 -2.66 51.34 0.45
CA THR C 187 -1.89 51.17 -0.77
C THR C 187 -0.49 51.56 -0.30
N LYS C 188 0.53 51.20 -1.07
CA LYS C 188 1.90 51.55 -0.71
C LYS C 188 2.05 53.07 -0.61
N ASP C 189 1.45 53.80 -1.55
CA ASP C 189 1.56 55.26 -1.55
C ASP C 189 0.91 55.88 -0.31
N GLU C 190 -0.24 55.33 0.08
CA GLU C 190 -0.94 55.82 1.26
C GLU C 190 -0.04 55.58 2.48
N TYR C 191 0.51 54.38 2.57
CA TYR C 191 1.37 54.03 3.69
C TYR C 191 2.60 54.92 3.81
N GLU C 192 3.16 55.29 2.66
CA GLU C 192 4.35 56.13 2.65
C GLU C 192 4.20 57.61 2.88
N ARG C 193 2.98 58.13 2.93
CA ARG C 193 2.83 59.55 3.17
C ARG C 193 2.51 59.86 4.64
N HIS C 194 2.64 58.85 5.49
CA HIS C 194 2.40 59.00 6.93
C HIS C 194 3.55 58.33 7.67
N ASN C 195 3.79 58.69 8.93
CA ASN C 195 4.91 58.11 9.67
C ASN C 195 4.61 57.24 10.88
N SER C 196 3.70 57.69 11.74
CA SER C 196 3.38 56.91 12.93
C SER C 196 2.14 56.03 12.77
N TYR C 197 2.27 54.78 13.20
CA TYR C 197 1.17 53.82 13.13
C TYR C 197 0.99 53.21 14.51
N THR C 198 -0.24 53.27 15.01
CA THR C 198 -0.54 52.78 16.36
C THR C 198 -1.80 51.91 16.46
N CYS C 199 -1.69 50.84 17.26
CA CYS C 199 -2.79 49.91 17.54
C CYS C 199 -3.13 50.05 19.04
N GLU C 200 -4.37 50.40 19.36
CA GLU C 200 -4.76 50.57 20.77
C GLU C 200 -5.83 49.57 21.18
N ALA C 201 -5.52 48.76 22.19
CA ALA C 201 -6.48 47.75 22.66
C ALA C 201 -7.15 48.14 23.98
N THR C 202 -8.47 48.23 23.97
CA THR C 202 -9.21 48.57 25.17
C THR C 202 -10.05 47.38 25.56
N HIS C 203 -9.68 46.77 26.69
CA HIS C 203 -10.34 45.59 27.20
C HIS C 203 -11.16 45.88 28.45
N LYS C 204 -12.07 44.96 28.78
CA LYS C 204 -12.93 45.10 29.95
C LYS C 204 -12.12 45.04 31.24
N THR C 205 -10.79 45.06 31.11
CA THR C 205 -9.89 45.02 32.26
C THR C 205 -8.81 46.08 32.11
N SER C 206 -9.20 47.23 31.56
CA SER C 206 -8.26 48.32 31.33
C SER C 206 -8.87 49.72 31.52
N THR C 207 -8.16 50.56 32.27
CA THR C 207 -8.58 51.93 32.53
C THR C 207 -7.84 52.79 31.52
N SER C 208 -6.87 52.16 30.87
CA SER C 208 -6.05 52.77 29.85
C SER C 208 -5.78 51.65 28.84
N PRO C 209 -5.78 52.00 27.55
CA PRO C 209 -5.54 50.98 26.52
C PRO C 209 -4.13 50.41 26.60
N ILE C 210 -3.91 49.29 25.92
CA ILE C 210 -2.58 48.71 25.82
C ILE C 210 -2.19 49.24 24.45
N VAL C 211 -1.09 49.98 24.39
CA VAL C 211 -0.68 50.58 23.12
C VAL C 211 0.63 50.10 22.53
N LYS C 212 0.64 49.92 21.21
CA LYS C 212 1.83 49.50 20.49
C LYS C 212 1.90 50.28 19.17
N SER C 213 3.08 50.77 18.82
CA SER C 213 3.22 51.51 17.57
C SER C 213 4.65 51.51 17.07
N PHE C 214 4.84 52.10 15.89
CA PHE C 214 6.16 52.21 15.28
C PHE C 214 6.21 53.44 14.40
N ASN C 215 7.42 53.93 14.14
CA ASN C 215 7.66 55.09 13.30
C ASN C 215 8.31 54.56 12.02
N ARG C 216 7.70 54.83 10.88
CA ARG C 216 8.23 54.35 9.62
C ARG C 216 9.66 54.82 9.36
N ASN C 217 9.98 56.04 9.77
CA ASN C 217 11.32 56.58 9.57
C ASN C 217 12.37 55.82 10.38
N GLU C 218 11.93 55.10 11.41
CA GLU C 218 12.85 54.32 12.22
C GLU C 218 12.89 52.93 11.60
N CYS C 219 12.23 52.85 10.45
CA CYS C 219 12.10 51.66 9.64
C CYS C 219 11.23 50.62 10.35
N ASP D 1 40.02 -23.66 -1.47
CA ASP D 1 40.24 -22.44 -2.29
C ASP D 1 40.62 -22.81 -3.71
N ILE D 2 39.81 -23.65 -4.35
CA ILE D 2 40.09 -24.07 -5.72
C ILE D 2 38.92 -23.68 -6.61
N VAL D 3 39.21 -22.89 -7.65
CA VAL D 3 38.17 -22.46 -8.59
C VAL D 3 38.01 -23.46 -9.71
N MET D 4 36.76 -23.77 -10.03
CA MET D 4 36.45 -24.73 -11.09
C MET D 4 35.83 -23.96 -12.25
N SER D 5 36.41 -24.13 -13.45
CA SER D 5 35.91 -23.44 -14.64
C SER D 5 35.50 -24.44 -15.71
N GLN D 6 34.31 -24.24 -16.26
CA GLN D 6 33.80 -25.14 -17.30
C GLN D 6 33.68 -24.43 -18.64
N PHE D 7 33.97 -25.16 -19.71
CA PHE D 7 33.88 -24.59 -21.05
C PHE D 7 33.32 -25.63 -22.03
N PRO D 8 32.39 -25.21 -22.91
CA PRO D 8 31.85 -23.85 -23.01
C PRO D 8 30.63 -23.70 -22.09
N SER D 9 30.10 -22.49 -21.97
CA SER D 9 28.93 -22.28 -21.12
C SER D 9 27.70 -22.98 -21.66
N SER D 10 27.61 -23.11 -22.97
CA SER D 10 26.48 -23.77 -23.61
C SER D 10 26.91 -24.49 -24.89
N LEU D 11 26.19 -25.56 -25.20
CA LEU D 11 26.44 -26.38 -26.38
C LEU D 11 25.11 -26.63 -27.07
N ALA D 12 25.11 -26.62 -28.41
CA ALA D 12 23.91 -26.89 -29.19
C ALA D 12 24.28 -28.07 -30.08
N VAL D 13 23.71 -29.24 -29.81
CA VAL D 13 24.06 -30.44 -30.57
C VAL D 13 22.86 -31.25 -31.07
N SER D 14 23.09 -32.05 -32.11
CA SER D 14 22.04 -32.87 -32.67
C SER D 14 22.24 -34.34 -32.30
N ALA D 15 21.14 -35.08 -32.29
CA ALA D 15 21.15 -36.50 -31.96
C ALA D 15 22.22 -37.27 -32.73
N GLY D 16 22.96 -38.12 -32.03
CA GLY D 16 23.98 -38.91 -32.68
C GLY D 16 25.37 -38.32 -32.70
N GLU D 17 25.50 -37.05 -32.34
CA GLU D 17 26.81 -36.42 -32.33
C GLU D 17 27.64 -36.79 -31.10
N LYS D 18 28.96 -36.79 -31.28
CA LYS D 18 29.89 -37.08 -30.18
C LYS D 18 30.16 -35.73 -29.52
N VAL D 19 29.80 -35.58 -28.26
CA VAL D 19 29.96 -34.32 -27.55
C VAL D 19 30.98 -34.33 -26.42
N THR D 20 31.74 -33.24 -26.30
CA THR D 20 32.73 -33.13 -25.23
C THR D 20 32.54 -31.80 -24.49
N MET D 21 32.80 -31.84 -23.19
CA MET D 21 32.66 -30.69 -22.28
C MET D 21 33.92 -30.63 -21.43
N SER D 22 34.41 -29.42 -21.18
CA SER D 22 35.64 -29.21 -20.42
C SER D 22 35.47 -28.66 -19.00
N CYS D 23 36.31 -29.13 -18.09
CA CYS D 23 36.31 -28.68 -16.71
C CYS D 23 37.77 -28.56 -16.29
N LYS D 24 38.15 -27.36 -15.84
CA LYS D 24 39.51 -27.11 -15.42
C LYS D 24 39.55 -26.59 -13.98
N SER D 25 40.52 -27.06 -13.21
CA SER D 25 40.69 -26.65 -11.81
C SER D 25 41.95 -25.81 -11.66
N SER D 26 41.89 -24.81 -10.78
CA SER D 26 43.03 -23.92 -10.55
C SER D 26 44.23 -24.64 -9.91
N GLN D 27 43.98 -25.77 -9.27
CA GLN D 27 45.05 -26.54 -8.64
C GLN D 27 44.79 -28.01 -8.93
N SER D 28 45.83 -28.82 -8.98
CA SER D 28 45.68 -30.25 -9.27
C SER D 28 44.85 -30.98 -8.22
N LEU D 29 43.96 -31.87 -8.69
CA LEU D 29 43.10 -32.66 -7.83
C LEU D 29 43.63 -34.08 -7.71
N LEU D 30 44.85 -34.29 -8.21
CA LEU D 30 45.50 -35.60 -8.16
C LEU D 30 46.20 -35.81 -6.83
N ASN D 31 45.89 -36.94 -6.19
CA ASN D 31 46.46 -37.29 -4.90
C ASN D 31 47.72 -38.14 -5.10
N SER D 32 48.86 -37.68 -4.57
CA SER D 32 50.15 -38.37 -4.67
C SER D 32 49.97 -39.84 -4.26
N ARG D 33 49.17 -40.05 -3.22
CA ARG D 33 48.87 -41.40 -2.76
C ARG D 33 47.61 -41.77 -3.51
N THR D 34 47.25 -43.05 -3.53
CA THR D 34 46.06 -43.51 -4.24
C THR D 34 46.15 -43.29 -5.76
N ARG D 35 46.84 -42.25 -6.18
CA ARG D 35 46.99 -41.93 -7.60
C ARG D 35 45.64 -41.77 -8.32
N LYS D 36 44.75 -41.01 -7.69
CA LYS D 36 43.44 -40.75 -8.26
C LYS D 36 43.20 -39.25 -8.27
N SER D 37 42.36 -38.81 -9.21
CA SER D 37 42.00 -37.40 -9.32
C SER D 37 40.58 -37.32 -8.77
N TYR D 38 40.40 -36.47 -7.76
CA TYR D 38 39.10 -36.35 -7.12
C TYR D 38 38.16 -35.33 -7.77
N LEU D 39 37.63 -35.72 -8.92
CA LEU D 39 36.72 -34.89 -9.68
C LEU D 39 35.49 -35.69 -10.08
N ALA D 40 34.32 -35.08 -9.90
CA ALA D 40 33.07 -35.74 -10.25
C ALA D 40 32.25 -34.93 -11.24
N TRP D 41 31.31 -35.59 -11.90
CA TRP D 41 30.41 -34.95 -12.87
C TRP D 41 28.96 -35.21 -12.49
N TYR D 42 28.13 -34.17 -12.53
CA TYR D 42 26.72 -34.29 -12.22
C TYR D 42 25.85 -33.81 -13.36
N GLN D 43 24.69 -34.43 -13.51
CA GLN D 43 23.73 -34.07 -14.55
C GLN D 43 22.45 -33.52 -13.90
N GLN D 44 22.00 -32.35 -14.35
CA GLN D 44 20.76 -31.80 -13.81
C GLN D 44 19.79 -31.45 -14.93
N LYS D 45 18.81 -32.33 -15.15
CA LYS D 45 17.81 -32.15 -16.19
C LYS D 45 16.80 -31.10 -15.74
N PRO D 46 16.22 -30.35 -16.69
CA PRO D 46 15.25 -29.32 -16.33
C PRO D 46 14.19 -29.75 -15.32
N GLY D 47 14.08 -28.95 -14.25
CA GLY D 47 13.11 -29.23 -13.20
C GLY D 47 13.41 -30.38 -12.26
N GLN D 48 14.61 -30.96 -12.37
CA GLN D 48 14.97 -32.09 -11.52
C GLN D 48 16.16 -31.77 -10.63
N PHE D 49 16.43 -32.63 -9.65
CA PHE D 49 17.59 -32.44 -8.78
C PHE D 49 18.80 -33.08 -9.48
N PRO D 50 20.02 -32.72 -9.06
CA PRO D 50 21.24 -33.27 -9.66
C PRO D 50 21.41 -34.78 -9.45
N LYS D 51 22.06 -35.42 -10.42
CA LYS D 51 22.35 -36.85 -10.35
C LYS D 51 23.82 -37.08 -10.66
N LEU D 52 24.51 -37.83 -9.79
CA LEU D 52 25.93 -38.15 -9.96
C LEU D 52 26.13 -39.07 -11.15
N LEU D 53 27.10 -38.73 -12.01
CA LEU D 53 27.40 -39.55 -13.19
C LEU D 53 28.74 -40.26 -13.11
N ILE D 54 29.77 -39.49 -12.74
CA ILE D 54 31.14 -39.97 -12.67
C ILE D 54 31.81 -39.48 -11.40
N TYR D 55 32.70 -40.30 -10.84
CA TYR D 55 33.48 -39.89 -9.67
C TYR D 55 34.92 -40.42 -9.84
N TRP D 56 35.84 -39.94 -9.02
CA TRP D 56 37.25 -40.32 -9.16
C TRP D 56 37.68 -40.11 -10.62
N ALA D 57 37.14 -39.05 -11.23
CA ALA D 57 37.43 -38.64 -12.60
C ALA D 57 36.95 -39.54 -13.76
N ALA D 58 37.04 -40.86 -13.57
CA ALA D 58 36.64 -41.77 -14.65
C ALA D 58 35.76 -42.96 -14.25
N THR D 59 35.40 -43.06 -12.97
CA THR D 59 34.56 -44.16 -12.54
C THR D 59 33.09 -43.83 -12.69
N ARG D 60 32.36 -44.70 -13.39
CA ARG D 60 30.94 -44.49 -13.62
C ARG D 60 30.09 -44.94 -12.44
N GLU D 61 29.08 -44.13 -12.12
CA GLU D 61 28.14 -44.43 -11.04
C GLU D 61 27.20 -45.50 -11.60
N SER D 62 26.73 -46.38 -10.73
CA SER D 62 25.83 -47.45 -11.17
C SER D 62 24.58 -46.90 -11.84
N GLY D 63 24.18 -47.51 -12.94
CA GLY D 63 22.98 -47.06 -13.65
C GLY D 63 23.22 -46.06 -14.76
N VAL D 64 24.40 -45.45 -14.78
CA VAL D 64 24.74 -44.46 -15.80
C VAL D 64 25.05 -45.15 -17.14
N PRO D 65 24.44 -44.66 -18.23
CA PRO D 65 24.62 -45.20 -19.58
C PRO D 65 26.08 -45.25 -20.04
N ASP D 66 26.44 -46.28 -20.79
CA ASP D 66 27.81 -46.44 -21.27
C ASP D 66 28.20 -45.24 -22.12
N ARG D 67 27.18 -44.51 -22.55
CA ARG D 67 27.30 -43.33 -23.37
C ARG D 67 28.23 -42.27 -22.77
N PHE D 68 28.19 -42.14 -21.44
CA PHE D 68 29.02 -41.15 -20.74
C PHE D 68 30.36 -41.67 -20.24
N THR D 69 31.42 -40.90 -20.48
CA THR D 69 32.76 -41.28 -20.01
C THR D 69 33.54 -40.07 -19.52
N GLY D 70 34.26 -40.26 -18.41
CA GLY D 70 35.05 -39.19 -17.84
C GLY D 70 36.53 -39.45 -18.02
N SER D 71 37.28 -38.41 -18.36
CA SER D 71 38.72 -38.54 -18.56
C SER D 71 39.45 -37.33 -18.01
N GLY D 72 40.78 -37.38 -18.11
CA GLY D 72 41.60 -36.30 -17.63
C GLY D 72 42.23 -36.61 -16.27
N SER D 73 43.20 -35.80 -15.91
CA SER D 73 43.90 -35.97 -14.64
C SER D 73 44.54 -34.64 -14.27
N GLY D 74 44.80 -34.43 -12.99
CA GLY D 74 45.42 -33.20 -12.56
C GLY D 74 44.51 -31.98 -12.51
N THR D 75 44.62 -31.12 -13.51
CA THR D 75 43.83 -29.89 -13.56
C THR D 75 42.86 -29.81 -14.75
N ASP D 76 43.03 -30.68 -15.74
CA ASP D 76 42.16 -30.64 -16.91
C ASP D 76 41.35 -31.92 -17.06
N PHE D 77 40.02 -31.77 -17.14
CA PHE D 77 39.14 -32.91 -17.26
C PHE D 77 38.12 -32.75 -18.39
N THR D 78 37.56 -33.89 -18.81
CA THR D 78 36.58 -33.92 -19.90
C THR D 78 35.46 -34.94 -19.69
N LEU D 79 34.24 -34.54 -20.04
CA LEU D 79 33.09 -35.43 -19.97
C LEU D 79 32.68 -35.59 -21.43
N THR D 80 32.64 -36.84 -21.89
CA THR D 80 32.30 -37.12 -23.27
C THR D 80 31.00 -37.93 -23.40
N ILE D 81 30.16 -37.58 -24.37
CA ILE D 81 28.93 -38.32 -24.64
C ILE D 81 29.18 -38.88 -26.04
N SER D 82 29.35 -40.20 -26.14
CA SER D 82 29.67 -40.84 -27.43
C SER D 82 28.66 -40.62 -28.56
N SER D 83 27.38 -40.62 -28.22
CA SER D 83 26.29 -40.43 -29.18
C SER D 83 25.11 -39.83 -28.41
N VAL D 84 24.98 -38.51 -28.50
CA VAL D 84 23.94 -37.81 -27.76
C VAL D 84 22.51 -38.18 -28.13
N GLN D 85 21.65 -38.20 -27.12
CA GLN D 85 20.24 -38.53 -27.29
C GLN D 85 19.39 -37.38 -26.72
N ALA D 86 18.13 -37.30 -27.12
CA ALA D 86 17.22 -36.24 -26.66
C ALA D 86 17.17 -36.08 -25.14
N GLU D 87 17.17 -37.20 -24.43
CA GLU D 87 17.11 -37.20 -22.97
C GLU D 87 18.33 -36.59 -22.29
N ASP D 88 19.41 -36.37 -23.04
CA ASP D 88 20.64 -35.81 -22.46
C ASP D 88 20.59 -34.30 -22.22
N LEU D 89 19.46 -33.69 -22.59
CA LEU D 89 19.23 -32.27 -22.42
C LEU D 89 19.33 -31.98 -20.92
N ALA D 90 20.30 -31.16 -20.53
CA ALA D 90 20.49 -30.82 -19.11
C ALA D 90 21.70 -29.92 -18.91
N VAL D 91 21.95 -29.52 -17.67
CA VAL D 91 23.13 -28.72 -17.38
C VAL D 91 24.09 -29.69 -16.70
N TYR D 92 25.34 -29.71 -17.14
CA TYR D 92 26.32 -30.60 -16.55
C TYR D 92 27.30 -29.82 -15.67
N TYR D 93 27.45 -30.25 -14.42
CA TYR D 93 28.38 -29.59 -13.47
C TYR D 93 29.50 -30.52 -13.04
N CYS D 94 30.73 -30.03 -13.02
CA CYS D 94 31.83 -30.84 -12.50
C CYS D 94 32.03 -30.39 -11.04
N LYS D 95 32.70 -31.20 -10.23
CA LYS D 95 32.91 -30.86 -8.82
C LYS D 95 34.18 -31.50 -8.25
N GLN D 96 35.05 -30.70 -7.62
CA GLN D 96 36.27 -31.23 -7.02
C GLN D 96 35.99 -31.64 -5.58
N SER D 97 36.69 -32.67 -5.10
CA SER D 97 36.53 -33.14 -3.73
C SER D 97 37.91 -33.42 -3.14
N TYR D 98 38.92 -32.74 -3.69
CA TYR D 98 40.30 -32.87 -3.23
C TYR D 98 40.43 -32.16 -1.88
N ASN D 99 39.78 -31.01 -1.75
CA ASN D 99 39.79 -30.24 -0.50
C ASN D 99 38.41 -29.60 -0.32
N LEU D 100 37.62 -30.19 0.57
CA LEU D 100 36.24 -29.76 0.79
C LEU D 100 35.61 -30.04 -0.58
N ARG D 101 34.72 -29.17 -1.06
CA ARG D 101 34.09 -29.37 -2.38
C ARG D 101 33.80 -28.04 -3.07
N THR D 102 33.86 -28.04 -4.41
CA THR D 102 33.56 -26.84 -5.19
C THR D 102 32.99 -27.22 -6.55
N PHE D 103 31.82 -26.69 -6.87
CA PHE D 103 31.18 -26.94 -8.16
C PHE D 103 31.65 -25.94 -9.22
N GLY D 104 31.63 -26.37 -10.48
CA GLY D 104 31.98 -25.47 -11.56
C GLY D 104 30.70 -24.71 -11.91
N GLY D 105 30.76 -23.79 -12.87
CA GLY D 105 29.57 -23.03 -13.22
C GLY D 105 28.56 -23.71 -14.12
N GLY D 106 28.88 -24.92 -14.57
CA GLY D 106 27.98 -25.67 -15.43
C GLY D 106 27.99 -25.37 -16.92
N THR D 107 27.71 -26.40 -17.73
CA THR D 107 27.64 -26.27 -19.19
C THR D 107 26.24 -26.73 -19.59
N LYS D 108 25.48 -25.84 -20.23
CA LYS D 108 24.13 -26.14 -20.66
C LYS D 108 24.13 -26.80 -22.04
N LEU D 109 23.64 -28.03 -22.10
CA LEU D 109 23.58 -28.78 -23.35
C LEU D 109 22.17 -28.65 -23.91
N GLU D 110 22.06 -28.03 -25.09
CA GLU D 110 20.76 -27.85 -25.72
C GLU D 110 20.67 -28.75 -26.95
N ILE D 111 19.45 -29.17 -27.29
CA ILE D 111 19.25 -30.08 -28.41
C ILE D 111 18.76 -29.41 -29.68
N LYS D 112 19.37 -29.76 -30.81
CA LYS D 112 18.94 -29.22 -32.09
C LYS D 112 18.03 -30.29 -32.70
N ARG D 113 16.83 -29.90 -33.08
CA ARG D 113 15.86 -30.83 -33.64
C ARG D 113 15.23 -30.24 -34.91
N ALA D 114 14.31 -30.97 -35.51
CA ALA D 114 13.67 -30.50 -36.74
C ALA D 114 12.75 -29.30 -36.51
N ASP D 115 12.54 -28.50 -37.56
CA ASP D 115 11.64 -27.36 -37.43
C ASP D 115 10.24 -27.86 -37.07
N ALA D 116 9.48 -27.03 -36.37
CA ALA D 116 8.11 -27.36 -36.00
C ALA D 116 7.38 -26.05 -35.69
N ALA D 117 6.26 -25.81 -36.37
CA ALA D 117 5.48 -24.60 -36.16
C ALA D 117 4.67 -24.71 -34.87
N PRO D 118 4.32 -23.57 -34.25
CA PRO D 118 3.54 -23.59 -33.00
C PRO D 118 2.04 -23.80 -33.17
N THR D 119 1.41 -24.33 -32.13
CA THR D 119 -0.03 -24.52 -32.09
C THR D 119 -0.51 -23.40 -31.19
N VAL D 120 -1.28 -22.45 -31.74
CA VAL D 120 -1.75 -21.30 -30.99
C VAL D 120 -3.20 -21.42 -30.49
N SER D 121 -3.40 -21.00 -29.24
CA SER D 121 -4.72 -21.03 -28.60
C SER D 121 -4.88 -19.73 -27.81
N ILE D 122 -6.05 -19.11 -27.90
CA ILE D 122 -6.31 -17.87 -27.18
C ILE D 122 -7.46 -18.05 -26.18
N PHE D 123 -7.37 -17.35 -25.05
CA PHE D 123 -8.38 -17.41 -24.00
C PHE D 123 -8.78 -16.04 -23.47
N PRO D 124 -10.10 -15.81 -23.32
CA PRO D 124 -10.60 -14.52 -22.81
C PRO D 124 -10.51 -14.49 -21.30
N PRO D 125 -10.58 -13.30 -20.68
CA PRO D 125 -10.49 -13.27 -19.22
C PRO D 125 -11.67 -14.03 -18.62
N SER D 126 -11.49 -14.57 -17.42
CA SER D 126 -12.56 -15.33 -16.79
C SER D 126 -13.48 -14.47 -15.95
N SER D 127 -14.70 -14.95 -15.75
CA SER D 127 -15.71 -14.25 -14.96
C SER D 127 -15.15 -13.92 -13.59
N GLU D 128 -14.42 -14.87 -13.01
CA GLU D 128 -13.85 -14.68 -11.69
C GLU D 128 -12.92 -13.46 -11.61
N GLN D 129 -12.05 -13.31 -12.61
CA GLN D 129 -11.13 -12.17 -12.60
C GLN D 129 -11.85 -10.86 -12.89
N LEU D 130 -12.78 -10.87 -13.84
CA LEU D 130 -13.53 -9.67 -14.18
C LEU D 130 -14.16 -9.04 -12.94
N THR D 131 -14.85 -9.86 -12.15
CA THR D 131 -15.50 -9.37 -10.93
C THR D 131 -14.44 -8.77 -10.01
N SER D 132 -13.24 -9.35 -10.02
CA SER D 132 -12.16 -8.85 -9.19
C SER D 132 -11.76 -7.45 -9.64
N GLY D 133 -12.06 -7.14 -10.90
CA GLY D 133 -11.73 -5.83 -11.44
C GLY D 133 -10.62 -5.87 -12.47
N GLY D 134 -10.15 -7.06 -12.81
CA GLY D 134 -9.08 -7.19 -13.79
C GLY D 134 -9.50 -7.97 -15.02
N ALA D 135 -8.62 -8.05 -16.00
CA ALA D 135 -8.90 -8.77 -17.23
C ALA D 135 -7.60 -9.14 -17.93
N SER D 136 -7.23 -10.42 -17.86
CA SER D 136 -6.01 -10.90 -18.49
C SER D 136 -6.37 -11.74 -19.70
N VAL D 137 -5.74 -11.45 -20.83
CA VAL D 137 -5.98 -12.20 -22.06
C VAL D 137 -4.73 -13.06 -22.24
N VAL D 138 -4.92 -14.36 -22.39
CA VAL D 138 -3.81 -15.29 -22.52
C VAL D 138 -3.75 -16.04 -23.84
N CYS D 139 -2.54 -16.22 -24.34
CA CYS D 139 -2.30 -16.91 -25.60
C CYS D 139 -1.15 -17.92 -25.43
N PHE D 140 -1.42 -19.18 -25.74
CA PHE D 140 -0.40 -20.23 -25.64
C PHE D 140 0.15 -20.57 -27.02
N LEU D 141 1.46 -20.80 -27.09
CA LEU D 141 2.15 -21.17 -28.32
C LEU D 141 2.89 -22.45 -27.92
N ASN D 142 2.36 -23.60 -28.30
CA ASN D 142 2.94 -24.88 -27.92
C ASN D 142 3.65 -25.76 -28.94
N ASN D 143 4.68 -26.44 -28.43
CA ASN D 143 5.48 -27.41 -29.19
C ASN D 143 6.08 -26.91 -30.51
N PHE D 144 6.97 -25.93 -30.44
CA PHE D 144 7.60 -25.39 -31.64
C PHE D 144 9.12 -25.38 -31.50
N TYR D 145 9.80 -25.19 -32.63
CA TYR D 145 11.26 -25.13 -32.66
C TYR D 145 11.69 -24.58 -34.01
N PRO D 146 12.73 -23.73 -34.06
CA PRO D 146 13.54 -23.21 -32.95
C PRO D 146 12.84 -22.30 -31.95
N LYS D 147 13.58 -21.84 -30.95
CA LYS D 147 13.05 -21.00 -29.88
C LYS D 147 12.53 -19.62 -30.24
N ASP D 148 13.23 -18.92 -31.12
CA ASP D 148 12.83 -17.57 -31.51
C ASP D 148 11.38 -17.50 -31.97
N ILE D 149 10.64 -16.53 -31.43
CA ILE D 149 9.25 -16.38 -31.80
C ILE D 149 8.76 -14.98 -31.39
N ASN D 150 7.86 -14.42 -32.19
CA ASN D 150 7.33 -13.09 -31.94
C ASN D 150 5.80 -13.11 -31.90
N VAL D 151 5.23 -12.43 -30.90
CA VAL D 151 3.78 -12.36 -30.77
C VAL D 151 3.31 -10.90 -30.85
N LYS D 152 2.23 -10.68 -31.59
CA LYS D 152 1.68 -9.35 -31.77
C LYS D 152 0.23 -9.31 -31.29
N TRP D 153 -0.04 -8.44 -30.34
CA TRP D 153 -1.39 -8.29 -29.81
C TRP D 153 -2.04 -7.10 -30.47
N LYS D 154 -3.29 -7.28 -30.90
CA LYS D 154 -4.04 -6.20 -31.53
C LYS D 154 -5.44 -6.12 -30.96
N ILE D 155 -5.79 -4.96 -30.44
CA ILE D 155 -7.12 -4.74 -29.86
C ILE D 155 -7.89 -3.89 -30.87
N ASP D 156 -9.01 -4.42 -31.35
CA ASP D 156 -9.82 -3.73 -32.35
C ASP D 156 -8.92 -3.30 -33.51
N GLY D 157 -7.95 -4.15 -33.85
CA GLY D 157 -7.04 -3.84 -34.93
C GLY D 157 -5.84 -2.99 -34.54
N SER D 158 -5.79 -2.55 -33.30
CA SER D 158 -4.70 -1.71 -32.81
C SER D 158 -3.59 -2.50 -32.12
N GLU D 159 -2.40 -2.46 -32.70
CA GLU D 159 -1.25 -3.17 -32.15
C GLU D 159 -0.81 -2.61 -30.80
N ARG D 160 -0.89 -3.41 -29.75
CA ARG D 160 -0.48 -2.96 -28.43
C ARG D 160 1.02 -3.15 -28.26
N GLN D 161 1.74 -2.06 -28.01
CA GLN D 161 3.18 -2.11 -27.87
C GLN D 161 3.66 -2.49 -26.46
N ASN D 162 2.77 -2.42 -25.48
CA ASN D 162 3.15 -2.75 -24.11
C ASN D 162 2.02 -3.40 -23.33
N GLY D 163 2.35 -3.92 -22.15
CA GLY D 163 1.35 -4.58 -21.32
C GLY D 163 1.33 -6.07 -21.53
N VAL D 164 2.42 -6.59 -22.08
CA VAL D 164 2.54 -8.01 -22.36
C VAL D 164 3.77 -8.63 -21.70
N LEU D 165 3.60 -9.85 -21.21
CA LEU D 165 4.69 -10.58 -20.58
C LEU D 165 4.73 -11.98 -21.17
N ASN D 166 5.92 -12.43 -21.55
CA ASN D 166 6.07 -13.75 -22.14
C ASN D 166 6.98 -14.64 -21.30
N SER D 167 6.80 -15.95 -21.41
CA SER D 167 7.62 -16.88 -20.66
C SER D 167 7.78 -18.20 -21.40
N TRP D 168 9.02 -18.59 -21.63
CA TRP D 168 9.34 -19.83 -22.33
C TRP D 168 9.56 -20.99 -21.37
N THR D 169 9.19 -22.19 -21.80
CA THR D 169 9.39 -23.38 -20.99
C THR D 169 10.77 -23.90 -21.39
N ASP D 170 11.30 -24.84 -20.62
CA ASP D 170 12.59 -25.45 -20.92
C ASP D 170 12.33 -26.41 -22.07
N GLN D 171 13.37 -26.80 -22.79
CA GLN D 171 13.19 -27.75 -23.89
C GLN D 171 12.63 -29.05 -23.35
N ASP D 172 11.69 -29.63 -24.09
CA ASP D 172 11.08 -30.89 -23.70
C ASP D 172 12.13 -32.01 -23.70
N SER D 173 12.20 -32.76 -22.60
CA SER D 173 13.16 -33.85 -22.49
C SER D 173 12.92 -35.01 -23.47
N LYS D 174 11.73 -35.05 -24.07
CA LYS D 174 11.41 -36.13 -25.01
C LYS D 174 11.41 -35.74 -26.48
N ASP D 175 10.69 -34.67 -26.82
CA ASP D 175 10.63 -34.23 -28.21
C ASP D 175 11.42 -32.97 -28.53
N SER D 176 12.16 -32.45 -27.55
CA SER D 176 12.99 -31.28 -27.74
C SER D 176 12.32 -29.96 -28.18
N THR D 177 10.99 -29.89 -28.11
CA THR D 177 10.29 -28.66 -28.51
C THR D 177 10.21 -27.63 -27.39
N TYR D 178 9.89 -26.40 -27.77
CA TYR D 178 9.71 -25.31 -26.81
C TYR D 178 8.23 -24.95 -26.81
N SER D 179 7.85 -24.13 -25.85
CA SER D 179 6.48 -23.65 -25.75
C SER D 179 6.57 -22.35 -24.98
N MET D 180 5.65 -21.43 -25.25
CA MET D 180 5.65 -20.16 -24.54
C MET D 180 4.25 -19.59 -24.41
N SER D 181 4.05 -18.80 -23.36
CA SER D 181 2.78 -18.15 -23.12
C SER D 181 2.95 -16.64 -23.25
N SER D 182 1.88 -15.94 -23.58
CA SER D 182 1.90 -14.49 -23.72
C SER D 182 0.65 -14.00 -23.02
N THR D 183 0.83 -13.12 -22.04
CA THR D 183 -0.31 -12.62 -21.26
C THR D 183 -0.46 -11.12 -21.32
N LEU D 184 -1.60 -10.66 -21.84
CA LEU D 184 -1.89 -9.24 -21.94
C LEU D 184 -2.86 -8.94 -20.81
N THR D 185 -2.42 -8.18 -19.82
CA THR D 185 -3.28 -7.84 -18.71
C THR D 185 -3.76 -6.40 -18.79
N LEU D 186 -5.07 -6.21 -18.67
CA LEU D 186 -5.70 -4.90 -18.73
C LEU D 186 -6.63 -4.76 -17.53
N THR D 187 -7.28 -3.60 -17.43
CA THR D 187 -8.22 -3.36 -16.34
C THR D 187 -9.58 -3.78 -16.88
N LYS D 188 -10.53 -4.07 -16.00
CA LYS D 188 -11.86 -4.48 -16.44
C LYS D 188 -12.50 -3.39 -17.27
N ASP D 189 -12.36 -2.14 -16.84
CA ASP D 189 -12.94 -1.02 -17.56
C ASP D 189 -12.35 -0.93 -18.97
N GLU D 190 -11.03 -1.07 -19.08
CA GLU D 190 -10.37 -1.02 -20.38
C GLU D 190 -10.85 -2.14 -21.31
N TYR D 191 -10.78 -3.37 -20.81
CA TYR D 191 -11.21 -4.55 -21.56
C TYR D 191 -12.59 -4.33 -22.18
N GLU D 192 -13.48 -3.69 -21.44
CA GLU D 192 -14.84 -3.46 -21.90
C GLU D 192 -15.01 -2.29 -22.86
N ARG D 193 -14.01 -1.42 -22.95
CA ARG D 193 -14.09 -0.28 -23.86
C ARG D 193 -13.61 -0.63 -25.25
N HIS D 194 -13.39 -1.92 -25.48
CA HIS D 194 -12.95 -2.43 -26.78
C HIS D 194 -13.65 -3.76 -27.01
N ASN D 195 -13.57 -4.26 -28.24
CA ASN D 195 -14.25 -5.52 -28.56
C ASN D 195 -13.37 -6.64 -29.11
N SER D 196 -12.67 -6.35 -30.21
CA SER D 196 -11.81 -7.36 -30.85
C SER D 196 -10.48 -7.58 -30.15
N TYR D 197 -10.14 -8.86 -29.94
CA TYR D 197 -8.88 -9.24 -29.28
C TYR D 197 -8.21 -10.37 -30.05
N THR D 198 -7.01 -10.11 -30.59
CA THR D 198 -6.30 -11.13 -31.36
C THR D 198 -4.82 -11.30 -31.02
N CYS D 199 -4.35 -12.54 -31.14
CA CYS D 199 -2.98 -12.95 -30.87
C CYS D 199 -2.34 -13.41 -32.18
N GLU D 200 -1.26 -12.75 -32.60
CA GLU D 200 -0.58 -13.13 -33.84
C GLU D 200 0.85 -13.59 -33.61
N ALA D 201 1.12 -14.86 -33.91
CA ALA D 201 2.46 -15.42 -33.72
C ALA D 201 3.22 -15.62 -35.02
N THR D 202 4.47 -15.15 -35.04
CA THR D 202 5.31 -15.31 -36.21
C THR D 202 6.54 -16.14 -35.83
N HIS D 203 6.74 -17.25 -36.54
CA HIS D 203 7.84 -18.17 -36.30
C HIS D 203 8.65 -18.36 -37.58
N LYS D 204 9.93 -18.71 -37.44
CA LYS D 204 10.82 -18.90 -38.59
C LYS D 204 10.28 -19.89 -39.61
N THR D 205 9.41 -20.80 -39.16
CA THR D 205 8.84 -21.80 -40.06
C THR D 205 7.96 -21.20 -41.16
N SER D 206 7.51 -19.96 -40.98
CA SER D 206 6.66 -19.30 -41.97
C SER D 206 6.62 -17.79 -41.83
N THR D 207 6.52 -17.08 -42.96
CA THR D 207 6.45 -15.62 -42.94
C THR D 207 5.01 -15.18 -42.68
N SER D 208 4.08 -16.13 -42.80
CA SER D 208 2.67 -15.87 -42.56
C SER D 208 2.37 -16.14 -41.10
N PRO D 209 1.84 -15.12 -40.39
CA PRO D 209 1.51 -15.26 -38.97
C PRO D 209 0.40 -16.27 -38.73
N ILE D 210 0.35 -16.79 -37.50
CA ILE D 210 -0.70 -17.72 -37.11
C ILE D 210 -1.56 -16.86 -36.18
N VAL D 211 -2.81 -16.64 -36.55
CA VAL D 211 -3.67 -15.78 -35.75
C VAL D 211 -4.89 -16.43 -35.12
N LYS D 212 -5.15 -16.07 -33.87
CA LYS D 212 -6.29 -16.57 -33.13
C LYS D 212 -6.91 -15.37 -32.44
N SER D 213 -8.24 -15.38 -32.29
CA SER D 213 -8.92 -14.27 -31.64
C SER D 213 -10.35 -14.57 -31.22
N PHE D 214 -10.95 -13.60 -30.53
CA PHE D 214 -12.32 -13.67 -30.06
C PHE D 214 -12.87 -12.25 -30.05
N ASN D 215 -14.18 -12.11 -29.85
CA ASN D 215 -14.79 -10.79 -29.87
C ASN D 215 -15.27 -10.15 -28.58
N ARG D 216 -15.58 -10.93 -27.55
CA ARG D 216 -16.10 -10.34 -26.32
C ARG D 216 -17.49 -9.85 -26.71
N ASN D 217 -18.38 -9.69 -25.75
CA ASN D 217 -19.74 -9.24 -26.06
C ASN D 217 -20.41 -10.39 -26.81
N GLU D 218 -19.58 -11.29 -27.32
CA GLU D 218 -20.04 -12.47 -28.03
C GLU D 218 -20.14 -13.51 -26.91
N CYS D 219 -20.52 -13.00 -25.74
CA CYS D 219 -20.68 -13.78 -24.51
C CYS D 219 -19.60 -14.83 -24.31
MG MG E . -29.64 17.34 10.27
MG MG F . 30.58 -24.77 -5.00
MG MG G . -28.33 21.55 23.93
MG MG H . 31.69 -28.65 -18.82
#